data_6JQK
# 
_entry.id   6JQK 
# 
_audit_conform.dict_name       mmcif_pdbx.dic 
_audit_conform.dict_version    5.398 
_audit_conform.dict_location   http://mmcif.pdb.org/dictionaries/ascii/mmcif_pdbx.dic 
# 
loop_
_database_2.database_id 
_database_2.database_code 
_database_2.pdbx_database_accession 
_database_2.pdbx_DOI 
PDB   6JQK         pdb_00006jqk 10.2210/pdb6jqk/pdb 
WWPDB D_1300011577 ?            ?                   
# 
loop_
_pdbx_audit_revision_history.ordinal 
_pdbx_audit_revision_history.data_content_type 
_pdbx_audit_revision_history.major_revision 
_pdbx_audit_revision_history.minor_revision 
_pdbx_audit_revision_history.revision_date 
1 'Structure model' 1 0 2020-04-08 
2 'Structure model' 1 1 2023-11-22 
3 'Structure model' 1 2 2024-11-13 
# 
_pdbx_audit_revision_details.ordinal             1 
_pdbx_audit_revision_details.revision_ordinal    1 
_pdbx_audit_revision_details.data_content_type   'Structure model' 
_pdbx_audit_revision_details.provider            repository 
_pdbx_audit_revision_details.type                'Initial release' 
_pdbx_audit_revision_details.description         ? 
_pdbx_audit_revision_details.details             ? 
# 
loop_
_pdbx_audit_revision_group.ordinal 
_pdbx_audit_revision_group.revision_ordinal 
_pdbx_audit_revision_group.data_content_type 
_pdbx_audit_revision_group.group 
1 2 'Structure model' Advisory                 
2 2 'Structure model' 'Data collection'        
3 2 'Structure model' 'Database references'    
4 2 'Structure model' 'Refinement description' 
5 3 'Structure model' 'Structure summary'      
# 
loop_
_pdbx_audit_revision_category.ordinal 
_pdbx_audit_revision_category.revision_ordinal 
_pdbx_audit_revision_category.data_content_type 
_pdbx_audit_revision_category.category 
1 2 'Structure model' chem_comp_atom                  
2 2 'Structure model' chem_comp_bond                  
3 2 'Structure model' database_2                      
4 2 'Structure model' pdbx_initial_refinement_model   
5 2 'Structure model' pdbx_unobs_or_zero_occ_residues 
6 3 'Structure model' pdbx_entry_details              
7 3 'Structure model' pdbx_modification_feature       
# 
loop_
_pdbx_audit_revision_item.ordinal 
_pdbx_audit_revision_item.revision_ordinal 
_pdbx_audit_revision_item.data_content_type 
_pdbx_audit_revision_item.item 
1 2 'Structure model' '_database_2.pdbx_DOI'                
2 2 'Structure model' '_database_2.pdbx_database_accession' 
# 
_pdbx_database_status.status_code                     REL 
_pdbx_database_status.status_code_sf                  REL 
_pdbx_database_status.status_code_mr                  ? 
_pdbx_database_status.entry_id                        6JQK 
_pdbx_database_status.recvd_initial_deposition_date   2019-03-31 
_pdbx_database_status.SG_entry                        N 
_pdbx_database_status.deposit_site                    PDBJ 
_pdbx_database_status.process_site                    PDBJ 
_pdbx_database_status.status_code_cs                  ? 
_pdbx_database_status.methods_development_category    ? 
_pdbx_database_status.pdb_format_compatible           Y 
_pdbx_database_status.status_code_nmr_data            ? 
# 
loop_
_audit_author.name 
_audit_author.pdbx_ordinal 
_audit_author.identifier_ORCID 
'Yu, D.W.' 1 ? 
'Qin, B.'  2 ? 
# 
_citation.abstract                  ? 
_citation.abstract_id_CAS           ? 
_citation.book_id_ISBN              ? 
_citation.book_publisher            ? 
_citation.book_publisher_city       ? 
_citation.book_title                ? 
_citation.coordinate_linkage        ? 
_citation.country                   ? 
_citation.database_id_Medline       ? 
_citation.details                   ? 
_citation.id                        primary 
_citation.journal_abbrev            'To Be Published' 
_citation.journal_id_ASTM           ? 
_citation.journal_id_CSD            0353 
_citation.journal_id_ISSN           ? 
_citation.journal_full              ? 
_citation.journal_issue             ? 
_citation.journal_volume            ? 
_citation.language                  ? 
_citation.page_first                ? 
_citation.page_last                 ? 
_citation.title                     'Structure of C34M/N36' 
_citation.year                      ? 
_citation.database_id_CSD           ? 
_citation.pdbx_database_id_DOI      ? 
_citation.pdbx_database_id_PubMed   ? 
_citation.unpublished_flag          ? 
# 
loop_
_citation_author.citation_id 
_citation_author.name 
_citation_author.ordinal 
_citation_author.identifier_ORCID 
primary 'Yu, D.W.' 1 ? 
primary 'Qin, B.'  2 ? 
# 
loop_
_entity.id 
_entity.type 
_entity.src_method 
_entity.pdbx_description 
_entity.formula_weight 
_entity.pdbx_number_of_molecules 
_entity.pdbx_ec 
_entity.pdbx_mutation 
_entity.pdbx_fragment 
_entity.details 
1 polymer syn N36   4152.843 1  ? ? ? ? 
2 polymer syn C34M  4221.552 1  ? ? ? ? 
3 water   nat water 18.015   41 ? ? ? ? 
# 
loop_
_entity_poly.entity_id 
_entity_poly.type 
_entity_poly.nstd_linkage 
_entity_poly.nstd_monomer 
_entity_poly.pdbx_seq_one_letter_code 
_entity_poly.pdbx_seq_one_letter_code_can 
_entity_poly.pdbx_strand_id 
_entity_poly.pdbx_target_identifier 
1 'polypeptide(L)' no yes '(ACE)SGIVQQQNNLLRAIEAQQHLLQLTVWGIKQLQARIL' XSGIVQQQNNLLRAIEAQQHLLQLTVWGIKQLQARIL N ? 
2 'polypeptide(L)' no yes '(ACE)WASLWNWFNNYTSLIHSLIEESQNQQEKNEQELL'   XWASLWNWFNNYTSLIHSLIEESQNQQEKNEQELL   C ? 
# 
_pdbx_entity_nonpoly.entity_id   3 
_pdbx_entity_nonpoly.name        water 
_pdbx_entity_nonpoly.comp_id     HOH 
# 
loop_
_entity_poly_seq.entity_id 
_entity_poly_seq.num 
_entity_poly_seq.mon_id 
_entity_poly_seq.hetero 
1 1  ACE n 
1 2  SER n 
1 3  GLY n 
1 4  ILE n 
1 5  VAL n 
1 6  GLN n 
1 7  GLN n 
1 8  GLN n 
1 9  ASN n 
1 10 ASN n 
1 11 LEU n 
1 12 LEU n 
1 13 ARG n 
1 14 ALA n 
1 15 ILE n 
1 16 GLU n 
1 17 ALA n 
1 18 GLN n 
1 19 GLN n 
1 20 HIS n 
1 21 LEU n 
1 22 LEU n 
1 23 GLN n 
1 24 LEU n 
1 25 THR n 
1 26 VAL n 
1 27 TRP n 
1 28 GLY n 
1 29 ILE n 
1 30 LYS n 
1 31 GLN n 
1 32 LEU n 
1 33 GLN n 
1 34 ALA n 
1 35 ARG n 
1 36 ILE n 
1 37 LEU n 
2 1  ACE n 
2 2  TRP n 
2 3  ALA n 
2 4  SER n 
2 5  LEU n 
2 6  TRP n 
2 7  ASN n 
2 8  TRP n 
2 9  PHE n 
2 10 ASN n 
2 11 ASN n 
2 12 TYR n 
2 13 THR n 
2 14 SER n 
2 15 LEU n 
2 16 ILE n 
2 17 HIS n 
2 18 SER n 
2 19 LEU n 
2 20 ILE n 
2 21 GLU n 
2 22 GLU n 
2 23 SER n 
2 24 GLN n 
2 25 ASN n 
2 26 GLN n 
2 27 GLN n 
2 28 GLU n 
2 29 LYS n 
2 30 ASN n 
2 31 GLU n 
2 32 GLN n 
2 33 GLU n 
2 34 LEU n 
2 35 LEU n 
# 
loop_
_pdbx_entity_src_syn.entity_id 
_pdbx_entity_src_syn.pdbx_src_id 
_pdbx_entity_src_syn.pdbx_alt_source_flag 
_pdbx_entity_src_syn.pdbx_beg_seq_num 
_pdbx_entity_src_syn.pdbx_end_seq_num 
_pdbx_entity_src_syn.organism_scientific 
_pdbx_entity_src_syn.organism_common_name 
_pdbx_entity_src_syn.ncbi_taxonomy_id 
_pdbx_entity_src_syn.details 
1 1 sample 1 37 'Human immunodeficiency virus 1' ? 11676 ? 
2 1 sample 1 35 'Human immunodeficiency virus 1' ? 11676 ? 
# 
loop_
_chem_comp.id 
_chem_comp.type 
_chem_comp.mon_nstd_flag 
_chem_comp.name 
_chem_comp.pdbx_synonyms 
_chem_comp.formula 
_chem_comp.formula_weight 
ACE non-polymer         . 'ACETYL GROUP'  ? 'C2 H4 O'        44.053  
ALA 'L-peptide linking' y ALANINE         ? 'C3 H7 N O2'     89.093  
ARG 'L-peptide linking' y ARGININE        ? 'C6 H15 N4 O2 1' 175.209 
ASN 'L-peptide linking' y ASPARAGINE      ? 'C4 H8 N2 O3'    132.118 
GLN 'L-peptide linking' y GLUTAMINE       ? 'C5 H10 N2 O3'   146.144 
GLU 'L-peptide linking' y 'GLUTAMIC ACID' ? 'C5 H9 N O4'     147.129 
GLY 'peptide linking'   y GLYCINE         ? 'C2 H5 N O2'     75.067  
HIS 'L-peptide linking' y HISTIDINE       ? 'C6 H10 N3 O2 1' 156.162 
HOH non-polymer         . WATER           ? 'H2 O'           18.015  
ILE 'L-peptide linking' y ISOLEUCINE      ? 'C6 H13 N O2'    131.173 
LEU 'L-peptide linking' y LEUCINE         ? 'C6 H13 N O2'    131.173 
LYS 'L-peptide linking' y LYSINE          ? 'C6 H15 N2 O2 1' 147.195 
PHE 'L-peptide linking' y PHENYLALANINE   ? 'C9 H11 N O2'    165.189 
SER 'L-peptide linking' y SERINE          ? 'C3 H7 N O3'     105.093 
THR 'L-peptide linking' y THREONINE       ? 'C4 H9 N O3'     119.119 
TRP 'L-peptide linking' y TRYPTOPHAN      ? 'C11 H12 N2 O2'  204.225 
TYR 'L-peptide linking' y TYROSINE        ? 'C9 H11 N O3'    181.189 
VAL 'L-peptide linking' y VALINE          ? 'C5 H11 N O2'    117.146 
# 
loop_
_pdbx_poly_seq_scheme.asym_id 
_pdbx_poly_seq_scheme.entity_id 
_pdbx_poly_seq_scheme.seq_id 
_pdbx_poly_seq_scheme.mon_id 
_pdbx_poly_seq_scheme.ndb_seq_num 
_pdbx_poly_seq_scheme.pdb_seq_num 
_pdbx_poly_seq_scheme.auth_seq_num 
_pdbx_poly_seq_scheme.pdb_mon_id 
_pdbx_poly_seq_scheme.auth_mon_id 
_pdbx_poly_seq_scheme.pdb_strand_id 
_pdbx_poly_seq_scheme.pdb_ins_code 
_pdbx_poly_seq_scheme.hetero 
A 1 1  ACE 1  545 545 ACE ACE N . n 
A 1 2  SER 2  546 546 SER SER N . n 
A 1 3  GLY 3  547 547 GLY GLY N . n 
A 1 4  ILE 4  548 548 ILE ILE N . n 
A 1 5  VAL 5  549 549 VAL VAL N . n 
A 1 6  GLN 6  550 550 GLN GLN N . n 
A 1 7  GLN 7  551 551 GLN GLN N . n 
A 1 8  GLN 8  552 552 GLN GLN N . n 
A 1 9  ASN 9  553 553 ASN ASN N . n 
A 1 10 ASN 10 554 554 ASN ASN N . n 
A 1 11 LEU 11 555 555 LEU LEU N . n 
A 1 12 LEU 12 556 556 LEU LEU N . n 
A 1 13 ARG 13 557 557 ARG ARG N . n 
A 1 14 ALA 14 558 558 ALA ALA N . n 
A 1 15 ILE 15 559 559 ILE ILE N . n 
A 1 16 GLU 16 560 560 GLU GLU N . n 
A 1 17 ALA 17 561 561 ALA ALA N . n 
A 1 18 GLN 18 562 562 GLN GLN N . n 
A 1 19 GLN 19 563 563 GLN GLN N . n 
A 1 20 HIS 20 564 564 HIS HIS N . n 
A 1 21 LEU 21 565 565 LEU LEU N . n 
A 1 22 LEU 22 566 566 LEU LEU N . n 
A 1 23 GLN 23 567 567 GLN GLN N . n 
A 1 24 LEU 24 568 568 LEU LEU N . n 
A 1 25 THR 25 569 569 THR THR N . n 
A 1 26 VAL 26 570 570 VAL VAL N . n 
A 1 27 TRP 27 571 571 TRP TRP N . n 
A 1 28 GLY 28 572 572 GLY GLY N . n 
A 1 29 ILE 29 573 573 ILE ILE N . n 
A 1 30 LYS 30 574 574 LYS LYS N . n 
A 1 31 GLN 31 575 575 GLN GLN N . n 
A 1 32 LEU 32 576 576 LEU LEU N . n 
A 1 33 GLN 33 577 577 GLN GLN N . n 
A 1 34 ALA 34 578 578 ALA ALA N . n 
A 1 35 ARG 35 579 579 ARG ARG N . n 
A 1 36 ILE 36 580 580 ILE ILE N . n 
A 1 37 LEU 37 581 581 LEU LEU N . n 
B 2 1  ACE 1  627 627 ACE ACE C . n 
B 2 2  TRP 2  628 628 TRP TRP C . n 
B 2 3  ALA 3  629 629 ALA ALA C . n 
B 2 4  SER 4  630 630 SER SER C . n 
B 2 5  LEU 5  631 631 LEU LEU C . n 
B 2 6  TRP 6  632 632 TRP TRP C . n 
B 2 7  ASN 7  633 633 ASN ASN C . n 
B 2 8  TRP 8  634 634 TRP TRP C . n 
B 2 9  PHE 9  635 635 PHE PHE C . n 
B 2 10 ASN 10 636 636 ASN ASN C . n 
B 2 11 ASN 11 637 637 ASN ASN C . n 
B 2 12 TYR 12 638 638 TYR TYR C . n 
B 2 13 THR 13 639 639 THR THR C . n 
B 2 14 SER 14 640 640 SER SER C . n 
B 2 15 LEU 15 641 641 LEU LEU C . n 
B 2 16 ILE 16 642 642 ILE ILE C . n 
B 2 17 HIS 17 643 643 HIS HIS C . n 
B 2 18 SER 18 644 644 SER SER C . n 
B 2 19 LEU 19 645 645 LEU LEU C . n 
B 2 20 ILE 20 646 646 ILE ILE C . n 
B 2 21 GLU 21 647 647 GLU GLU C . n 
B 2 22 GLU 22 648 648 GLU GLU C . n 
B 2 23 SER 23 649 649 SER SER C . n 
B 2 24 GLN 24 650 650 GLN GLN C . n 
B 2 25 ASN 25 651 651 ASN ASN C . n 
B 2 26 GLN 26 652 652 GLN GLN C . n 
B 2 27 GLN 27 653 653 GLN GLN C . n 
B 2 28 GLU 28 654 654 GLU GLU C . n 
B 2 29 LYS 29 655 655 LYS LYS C . n 
B 2 30 ASN 30 656 656 ASN ASN C . n 
B 2 31 GLU 31 657 657 GLU GLU C . n 
B 2 32 GLN 32 658 658 GLN GLN C . n 
B 2 33 GLU 33 659 659 GLU GLU C . n 
B 2 34 LEU 34 660 660 LEU LEU C . n 
B 2 35 LEU 35 661 661 LEU LEU C . n 
# 
loop_
_pdbx_nonpoly_scheme.asym_id 
_pdbx_nonpoly_scheme.entity_id 
_pdbx_nonpoly_scheme.mon_id 
_pdbx_nonpoly_scheme.ndb_seq_num 
_pdbx_nonpoly_scheme.pdb_seq_num 
_pdbx_nonpoly_scheme.auth_seq_num 
_pdbx_nonpoly_scheme.pdb_mon_id 
_pdbx_nonpoly_scheme.auth_mon_id 
_pdbx_nonpoly_scheme.pdb_strand_id 
_pdbx_nonpoly_scheme.pdb_ins_code 
C 3 HOH 1  601 32 HOH HOH N . 
C 3 HOH 2  602 4  HOH HOH N . 
C 3 HOH 3  603 2  HOH HOH N . 
C 3 HOH 4  604 9  HOH HOH N . 
C 3 HOH 5  605 27 HOH HOH N . 
C 3 HOH 6  606 37 HOH HOH N . 
C 3 HOH 7  607 1  HOH HOH N . 
C 3 HOH 8  608 16 HOH HOH N . 
C 3 HOH 9  609 20 HOH HOH N . 
C 3 HOH 10 610 7  HOH HOH N . 
C 3 HOH 11 611 19 HOH HOH N . 
C 3 HOH 12 612 23 HOH HOH N . 
C 3 HOH 13 613 21 HOH HOH N . 
C 3 HOH 14 614 26 HOH HOH N . 
C 3 HOH 15 615 39 HOH HOH N . 
C 3 HOH 16 616 41 HOH HOH N . 
C 3 HOH 17 617 14 HOH HOH N . 
C 3 HOH 18 618 22 HOH HOH N . 
D 3 HOH 1  701 24 HOH HOH C . 
D 3 HOH 2  702 40 HOH HOH C . 
D 3 HOH 3  703 34 HOH HOH C . 
D 3 HOH 4  704 33 HOH HOH C . 
D 3 HOH 5  705 3  HOH HOH C . 
D 3 HOH 6  706 10 HOH HOH C . 
D 3 HOH 7  707 30 HOH HOH C . 
D 3 HOH 8  708 11 HOH HOH C . 
D 3 HOH 9  709 18 HOH HOH C . 
D 3 HOH 10 710 35 HOH HOH C . 
D 3 HOH 11 711 8  HOH HOH C . 
D 3 HOH 12 712 6  HOH HOH C . 
D 3 HOH 13 713 12 HOH HOH C . 
D 3 HOH 14 714 13 HOH HOH C . 
D 3 HOH 15 715 15 HOH HOH C . 
D 3 HOH 16 716 25 HOH HOH C . 
D 3 HOH 17 717 29 HOH HOH C . 
D 3 HOH 18 718 17 HOH HOH C . 
D 3 HOH 19 719 31 HOH HOH C . 
D 3 HOH 20 720 38 HOH HOH C . 
D 3 HOH 21 721 28 HOH HOH C . 
D 3 HOH 22 722 36 HOH HOH C . 
D 3 HOH 23 723 5  HOH HOH C . 
# 
loop_
_software.citation_id 
_software.classification 
_software.compiler_name 
_software.compiler_version 
_software.contact_author 
_software.contact_author_email 
_software.date 
_software.description 
_software.dependencies 
_software.hardware 
_software.language 
_software.location 
_software.mods 
_software.name 
_software.os 
_software.os_version 
_software.type 
_software.version 
_software.pdbx_ordinal 
? refinement       ? ? ? ? ? ? ? ? ? ? ? PHENIX ? ? ? '(1.10.1_2155: ???)' 1 
? phasing          ? ? ? ? ? ? ? ? ? ? ? PHASER ? ? ? .                    2 
? 'data scaling'   ? ? ? ? ? ? ? ? ? ? ? XDS    ? ? ? .                    3 
? 'model building' ? ? ? ? ? ? ? ? ? ? ? Coot   ? ? ? .                    4 
# 
_cell.angle_alpha                  90.00 
_cell.angle_alpha_esd              ? 
_cell.angle_beta                   90.00 
_cell.angle_beta_esd               ? 
_cell.angle_gamma                  120.00 
_cell.angle_gamma_esd              ? 
_cell.entry_id                     6JQK 
_cell.details                      ? 
_cell.formula_units_Z              ? 
_cell.length_a                     46.126 
_cell.length_a_esd                 ? 
_cell.length_b                     46.126 
_cell.length_b_esd                 ? 
_cell.length_c                     143.351 
_cell.length_c_esd                 ? 
_cell.volume                       ? 
_cell.volume_esd                   ? 
_cell.Z_PDB                        18 
_cell.reciprocal_angle_alpha       ? 
_cell.reciprocal_angle_beta        ? 
_cell.reciprocal_angle_gamma       ? 
_cell.reciprocal_angle_alpha_esd   ? 
_cell.reciprocal_angle_beta_esd    ? 
_cell.reciprocal_angle_gamma_esd   ? 
_cell.reciprocal_length_a          ? 
_cell.reciprocal_length_b          ? 
_cell.reciprocal_length_c          ? 
_cell.reciprocal_length_a_esd      ? 
_cell.reciprocal_length_b_esd      ? 
_cell.reciprocal_length_c_esd      ? 
_cell.pdbx_unique_axis             ? 
# 
_symmetry.entry_id                         6JQK 
_symmetry.cell_setting                     ? 
_symmetry.Int_Tables_number                155 
_symmetry.space_group_name_Hall            ? 
_symmetry.space_group_name_H-M             'H 3 2' 
_symmetry.pdbx_full_space_group_name_H-M   ? 
# 
_exptl.absorpt_coefficient_mu     ? 
_exptl.absorpt_correction_T_max   ? 
_exptl.absorpt_correction_T_min   ? 
_exptl.absorpt_correction_type    ? 
_exptl.absorpt_process_details    ? 
_exptl.entry_id                   6JQK 
_exptl.crystals_number            1 
_exptl.details                    ? 
_exptl.method                     'X-RAY DIFFRACTION' 
_exptl.method_details             ? 
# 
_exptl_crystal.colour                      ? 
_exptl_crystal.density_diffrn              ? 
_exptl_crystal.density_Matthews            1.75 
_exptl_crystal.density_method              ? 
_exptl_crystal.density_percent_sol         29.80 
_exptl_crystal.description                 ? 
_exptl_crystal.F_000                       ? 
_exptl_crystal.id                          1 
_exptl_crystal.preparation                 ? 
_exptl_crystal.size_max                    ? 
_exptl_crystal.size_mid                    ? 
_exptl_crystal.size_min                    ? 
_exptl_crystal.size_rad                    ? 
_exptl_crystal.colour_lustre               ? 
_exptl_crystal.colour_modifier             ? 
_exptl_crystal.colour_primary              ? 
_exptl_crystal.density_meas                ? 
_exptl_crystal.density_meas_esd            ? 
_exptl_crystal.density_meas_gt             ? 
_exptl_crystal.density_meas_lt             ? 
_exptl_crystal.density_meas_temp           ? 
_exptl_crystal.density_meas_temp_esd       ? 
_exptl_crystal.density_meas_temp_gt        ? 
_exptl_crystal.density_meas_temp_lt        ? 
_exptl_crystal.pdbx_crystal_image_url      ? 
_exptl_crystal.pdbx_crystal_image_format   ? 
_exptl_crystal.pdbx_mosaicity              ? 
_exptl_crystal.pdbx_mosaicity_esd          ? 
# 
_exptl_crystal_grow.apparatus       ? 
_exptl_crystal_grow.atmosphere      ? 
_exptl_crystal_grow.crystal_id      1 
_exptl_crystal_grow.details         ? 
_exptl_crystal_grow.method          'VAPOR DIFFUSION, HANGING DROP' 
_exptl_crystal_grow.method_ref      ? 
_exptl_crystal_grow.pH              5.5 
_exptl_crystal_grow.pressure        ? 
_exptl_crystal_grow.pressure_esd    ? 
_exptl_crystal_grow.seeding         ? 
_exptl_crystal_grow.seeding_ref     ? 
_exptl_crystal_grow.temp            291.15 
_exptl_crystal_grow.temp_details    ? 
_exptl_crystal_grow.temp_esd        ? 
_exptl_crystal_grow.time            ? 
_exptl_crystal_grow.pdbx_details    '0.2M Sodium chloride,0.1 M BIS-TRIS pH 5.5,25% w/v PEG 3350' 
_exptl_crystal_grow.pdbx_pH_range   ? 
# 
_diffrn.ambient_environment              ? 
_diffrn.ambient_temp                     100 
_diffrn.ambient_temp_details             ? 
_diffrn.ambient_temp_esd                 ? 
_diffrn.crystal_id                       1 
_diffrn.crystal_support                  ? 
_diffrn.crystal_treatment                ? 
_diffrn.details                          ? 
_diffrn.id                               1 
_diffrn.ambient_pressure                 ? 
_diffrn.ambient_pressure_esd             ? 
_diffrn.ambient_pressure_gt              ? 
_diffrn.ambient_pressure_lt              ? 
_diffrn.ambient_temp_gt                  ? 
_diffrn.ambient_temp_lt                  ? 
_diffrn.pdbx_serial_crystal_experiment   N 
# 
_diffrn_detector.details                      ? 
_diffrn_detector.detector                     PIXEL 
_diffrn_detector.diffrn_id                    1 
_diffrn_detector.type                         'DECTRIS PILATUS3 6M' 
_diffrn_detector.area_resol_mean              ? 
_diffrn_detector.dtime                        ? 
_diffrn_detector.pdbx_frames_total            ? 
_diffrn_detector.pdbx_collection_time_total   ? 
_diffrn_detector.pdbx_collection_date         2018-04-28 
_diffrn_detector.pdbx_frequency               ? 
# 
_diffrn_radiation.collimation                      ? 
_diffrn_radiation.diffrn_id                        1 
_diffrn_radiation.filter_edge                      ? 
_diffrn_radiation.inhomogeneity                    ? 
_diffrn_radiation.monochromator                    'SI(111) silicon crystal' 
_diffrn_radiation.polarisn_norm                    ? 
_diffrn_radiation.polarisn_ratio                   ? 
_diffrn_radiation.probe                            ? 
_diffrn_radiation.type                             ? 
_diffrn_radiation.xray_symbol                      ? 
_diffrn_radiation.wavelength_id                    1 
_diffrn_radiation.pdbx_monochromatic_or_laue_m_l   M 
_diffrn_radiation.pdbx_wavelength_list             ? 
_diffrn_radiation.pdbx_wavelength                  ? 
_diffrn_radiation.pdbx_diffrn_protocol             'SINGLE WAVELENGTH' 
_diffrn_radiation.pdbx_analyzer                    ? 
_diffrn_radiation.pdbx_scattering_type             x-ray 
# 
_diffrn_radiation_wavelength.id           1 
_diffrn_radiation_wavelength.wavelength   0.97892 
_diffrn_radiation_wavelength.wt           1.0 
# 
_diffrn_source.current                     ? 
_diffrn_source.details                     ? 
_diffrn_source.diffrn_id                   1 
_diffrn_source.power                       ? 
_diffrn_source.size                        ? 
_diffrn_source.source                      SYNCHROTRON 
_diffrn_source.target                      ? 
_diffrn_source.type                        'SSRF BEAMLINE BL19U1' 
_diffrn_source.voltage                     ? 
_diffrn_source.take-off_angle              ? 
_diffrn_source.pdbx_wavelength_list        0.97892 
_diffrn_source.pdbx_wavelength             ? 
_diffrn_source.pdbx_synchrotron_beamline   BL19U1 
_diffrn_source.pdbx_synchrotron_site       SSRF 
# 
_reflns.B_iso_Wilson_estimate            22.1 
_reflns.entry_id                         6JQK 
_reflns.data_reduction_details           ? 
_reflns.data_reduction_method            ? 
_reflns.d_resolution_high                1.498 
_reflns.d_resolution_low                 38.48 
_reflns.details                          ? 
_reflns.limit_h_max                      ? 
_reflns.limit_h_min                      ? 
_reflns.limit_k_max                      ? 
_reflns.limit_k_min                      ? 
_reflns.limit_l_max                      ? 
_reflns.limit_l_min                      ? 
_reflns.number_all                       ? 
_reflns.number_obs                       9811 
_reflns.observed_criterion               ? 
_reflns.observed_criterion_F_max         ? 
_reflns.observed_criterion_F_min         ? 
_reflns.observed_criterion_I_max         ? 
_reflns.observed_criterion_I_min         ? 
_reflns.observed_criterion_sigma_F       -3 
_reflns.observed_criterion_sigma_I       -3 
_reflns.percent_possible_obs             98.2 
_reflns.R_free_details                   ? 
_reflns.Rmerge_F_all                     ? 
_reflns.Rmerge_F_obs                     ? 
_reflns.Friedel_coverage                 ? 
_reflns.number_gt                        ? 
_reflns.threshold_expression             ? 
_reflns.pdbx_redundancy                  3.96 
_reflns.pdbx_Rmerge_I_obs                0.035 
_reflns.pdbx_Rmerge_I_all                ? 
_reflns.pdbx_Rsym_value                  ? 
_reflns.pdbx_netI_over_av_sigmaI         ? 
_reflns.pdbx_netI_over_sigmaI            20.34 
_reflns.pdbx_res_netI_over_av_sigmaI_2   ? 
_reflns.pdbx_res_netI_over_sigmaI_2      ? 
_reflns.pdbx_chi_squared                 ? 
_reflns.pdbx_scaling_rejects             ? 
_reflns.pdbx_d_res_high_opt              ? 
_reflns.pdbx_d_res_low_opt               ? 
_reflns.pdbx_d_res_opt_method            ? 
_reflns.phase_calculation_details        ? 
_reflns.pdbx_Rrim_I_all                  ? 
_reflns.pdbx_Rpim_I_all                  ? 
_reflns.pdbx_d_opt                       ? 
_reflns.pdbx_number_measured_all         ? 
_reflns.pdbx_diffrn_id                   1 
_reflns.pdbx_ordinal                     1 
_reflns.pdbx_CC_half                     0.999 
_reflns.pdbx_R_split                     ? 
# 
_reflns_shell.d_res_high                  1.5 
_reflns_shell.d_res_low                   1.59 
_reflns_shell.meanI_over_sigI_all         ? 
_reflns_shell.meanI_over_sigI_obs         3.43 
_reflns_shell.number_measured_all         ? 
_reflns_shell.number_measured_obs         ? 
_reflns_shell.number_possible             ? 
_reflns_shell.number_unique_all           ? 
_reflns_shell.number_unique_obs           1561 
_reflns_shell.percent_possible_all        94.3 
_reflns_shell.percent_possible_obs        ? 
_reflns_shell.Rmerge_F_all                ? 
_reflns_shell.Rmerge_F_obs                ? 
_reflns_shell.Rmerge_I_all                ? 
_reflns_shell.Rmerge_I_obs                0.242 
_reflns_shell.meanI_over_sigI_gt          ? 
_reflns_shell.meanI_over_uI_all           ? 
_reflns_shell.meanI_over_uI_gt            ? 
_reflns_shell.number_measured_gt          ? 
_reflns_shell.number_unique_gt            ? 
_reflns_shell.percent_possible_gt         ? 
_reflns_shell.Rmerge_F_gt                 ? 
_reflns_shell.Rmerge_I_gt                 ? 
_reflns_shell.pdbx_redundancy             2.89 
_reflns_shell.pdbx_Rsym_value             ? 
_reflns_shell.pdbx_chi_squared            ? 
_reflns_shell.pdbx_netI_over_sigmaI_all   ? 
_reflns_shell.pdbx_netI_over_sigmaI_obs   ? 
_reflns_shell.pdbx_Rrim_I_all             ? 
_reflns_shell.pdbx_Rpim_I_all             ? 
_reflns_shell.pdbx_rejects                ? 
_reflns_shell.pdbx_ordinal                1 
_reflns_shell.pdbx_diffrn_id              1 
_reflns_shell.pdbx_CC_half                0.967 
_reflns_shell.pdbx_R_split                ? 
# 
_refine.aniso_B[1][1]                            ? 
_refine.aniso_B[1][2]                            ? 
_refine.aniso_B[1][3]                            ? 
_refine.aniso_B[2][2]                            ? 
_refine.aniso_B[2][3]                            ? 
_refine.aniso_B[3][3]                            ? 
_refine.B_iso_max                                ? 
_refine.B_iso_mean                               ? 
_refine.B_iso_min                                ? 
_refine.correlation_coeff_Fo_to_Fc               ? 
_refine.correlation_coeff_Fo_to_Fc_free          ? 
_refine.details                                  ? 
_refine.diff_density_max                         ? 
_refine.diff_density_max_esd                     ? 
_refine.diff_density_min                         ? 
_refine.diff_density_min_esd                     ? 
_refine.diff_density_rms                         ? 
_refine.diff_density_rms_esd                     ? 
_refine.entry_id                                 6JQK 
_refine.pdbx_refine_id                           'X-RAY DIFFRACTION' 
_refine.ls_abs_structure_details                 ? 
_refine.ls_abs_structure_Flack                   ? 
_refine.ls_abs_structure_Flack_esd               ? 
_refine.ls_abs_structure_Rogers                  ? 
_refine.ls_abs_structure_Rogers_esd              ? 
_refine.ls_d_res_high                            1.498 
_refine.ls_d_res_low                             38.480 
_refine.ls_extinction_coef                       ? 
_refine.ls_extinction_coef_esd                   ? 
_refine.ls_extinction_expression                 ? 
_refine.ls_extinction_method                     ? 
_refine.ls_goodness_of_fit_all                   ? 
_refine.ls_goodness_of_fit_all_esd               ? 
_refine.ls_goodness_of_fit_obs                   ? 
_refine.ls_goodness_of_fit_obs_esd               ? 
_refine.ls_hydrogen_treatment                    ? 
_refine.ls_matrix_type                           ? 
_refine.ls_number_constraints                    ? 
_refine.ls_number_parameters                     ? 
_refine.ls_number_reflns_all                     ? 
_refine.ls_number_reflns_obs                     9623 
_refine.ls_number_reflns_R_free                  454 
_refine.ls_number_reflns_R_work                  ? 
_refine.ls_number_restraints                     ? 
_refine.ls_percent_reflns_obs                    97.83 
_refine.ls_percent_reflns_R_free                 4.72 
_refine.ls_R_factor_all                          ? 
_refine.ls_R_factor_obs                          0.2067 
_refine.ls_R_factor_R_free                       0.2269 
_refine.ls_R_factor_R_free_error                 ? 
_refine.ls_R_factor_R_free_error_details         ? 
_refine.ls_R_factor_R_work                       0.2054 
_refine.ls_R_Fsqd_factor_obs                     ? 
_refine.ls_R_I_factor_obs                        ? 
_refine.ls_redundancy_reflns_all                 ? 
_refine.ls_redundancy_reflns_obs                 ? 
_refine.ls_restrained_S_all                      ? 
_refine.ls_restrained_S_obs                      ? 
_refine.ls_shift_over_esd_max                    ? 
_refine.ls_shift_over_esd_mean                   ? 
_refine.ls_structure_factor_coef                 ? 
_refine.ls_weighting_details                     ? 
_refine.ls_weighting_scheme                      ? 
_refine.ls_wR_factor_all                         ? 
_refine.ls_wR_factor_obs                         ? 
_refine.ls_wR_factor_R_free                      ? 
_refine.ls_wR_factor_R_work                      ? 
_refine.occupancy_max                            ? 
_refine.occupancy_min                            ? 
_refine.solvent_model_details                    ? 
_refine.solvent_model_param_bsol                 ? 
_refine.solvent_model_param_ksol                 ? 
_refine.ls_R_factor_gt                           ? 
_refine.ls_goodness_of_fit_gt                    ? 
_refine.ls_goodness_of_fit_ref                   ? 
_refine.ls_shift_over_su_max                     ? 
_refine.ls_shift_over_su_max_lt                  ? 
_refine.ls_shift_over_su_mean                    ? 
_refine.ls_shift_over_su_mean_lt                 ? 
_refine.pdbx_ls_sigma_I                          ? 
_refine.pdbx_ls_sigma_F                          1.36 
_refine.pdbx_ls_sigma_Fsqd                       ? 
_refine.pdbx_data_cutoff_high_absF               ? 
_refine.pdbx_data_cutoff_high_rms_absF           ? 
_refine.pdbx_data_cutoff_low_absF                ? 
_refine.pdbx_isotropic_thermal_model             ? 
_refine.pdbx_ls_cross_valid_method               'FREE R-VALUE' 
_refine.pdbx_method_to_determine_struct          'MOLECULAR REPLACEMENT' 
_refine.pdbx_starting_model                      1AIK 
_refine.pdbx_stereochemistry_target_values       ? 
_refine.pdbx_R_Free_selection_details            ? 
_refine.pdbx_stereochem_target_val_spec_case     ? 
_refine.pdbx_overall_ESU_R                       ? 
_refine.pdbx_overall_ESU_R_Free                  ? 
_refine.pdbx_solvent_vdw_probe_radii             1.11 
_refine.pdbx_solvent_ion_probe_radii             ? 
_refine.pdbx_solvent_shrinkage_radii             0.90 
_refine.pdbx_real_space_R                        ? 
_refine.pdbx_density_correlation                 ? 
_refine.pdbx_pd_number_of_powder_patterns        ? 
_refine.pdbx_pd_number_of_points                 ? 
_refine.pdbx_pd_meas_number_of_points            ? 
_refine.pdbx_pd_proc_ls_prof_R_factor            ? 
_refine.pdbx_pd_proc_ls_prof_wR_factor           ? 
_refine.pdbx_pd_Marquardt_correlation_coeff      ? 
_refine.pdbx_pd_Fsqrd_R_factor                   ? 
_refine.pdbx_pd_ls_matrix_band_width             ? 
_refine.pdbx_overall_phase_error                 35.12 
_refine.pdbx_overall_SU_R_free_Cruickshank_DPI   ? 
_refine.pdbx_overall_SU_R_free_Blow_DPI          ? 
_refine.pdbx_overall_SU_R_Blow_DPI               ? 
_refine.pdbx_TLS_residual_ADP_flag               ? 
_refine.pdbx_diffrn_id                           1 
_refine.overall_SU_B                             ? 
_refine.overall_SU_ML                            0.22 
_refine.overall_SU_R_Cruickshank_DPI             ? 
_refine.overall_SU_R_free                        ? 
_refine.overall_FOM_free_R_set                   ? 
_refine.overall_FOM_work_R_set                   ? 
_refine.pdbx_average_fsc_overall                 ? 
_refine.pdbx_average_fsc_work                    ? 
_refine.pdbx_average_fsc_free                    ? 
# 
_refine_hist.pdbx_refine_id                   'X-RAY DIFFRACTION' 
_refine_hist.cycle_id                         LAST 
_refine_hist.pdbx_number_atoms_protein        593 
_refine_hist.pdbx_number_atoms_nucleic_acid   0 
_refine_hist.pdbx_number_atoms_ligand         0 
_refine_hist.number_atoms_solvent             41 
_refine_hist.number_atoms_total               634 
_refine_hist.d_res_high                       1.498 
_refine_hist.d_res_low                        38.480 
# 
loop_
_refine_ls_restr.pdbx_refine_id 
_refine_ls_restr.criterion 
_refine_ls_restr.dev_ideal 
_refine_ls_restr.dev_ideal_target 
_refine_ls_restr.number 
_refine_ls_restr.rejects 
_refine_ls_restr.type 
_refine_ls_restr.weight 
_refine_ls_restr.pdbx_restraint_function 
'X-RAY DIFFRACTION' ? 0.006  ? 621 ? f_bond_d           ? ? 
'X-RAY DIFFRACTION' ? 0.803  ? 845 ? f_angle_d          ? ? 
'X-RAY DIFFRACTION' ? 14.653 ? 228 ? f_dihedral_angle_d ? ? 
'X-RAY DIFFRACTION' ? 0.062  ? 92  ? f_chiral_restr     ? ? 
'X-RAY DIFFRACTION' ? 0.004  ? 110 ? f_plane_restr      ? ? 
# 
loop_
_refine_ls_shell.pdbx_refine_id 
_refine_ls_shell.d_res_high 
_refine_ls_shell.d_res_low 
_refine_ls_shell.number_reflns_all 
_refine_ls_shell.number_reflns_obs 
_refine_ls_shell.number_reflns_R_free 
_refine_ls_shell.number_reflns_R_work 
_refine_ls_shell.percent_reflns_obs 
_refine_ls_shell.percent_reflns_R_free 
_refine_ls_shell.R_factor_all 
_refine_ls_shell.R_factor_obs 
_refine_ls_shell.R_factor_R_free 
_refine_ls_shell.R_factor_R_free_error 
_refine_ls_shell.R_factor_R_work 
_refine_ls_shell.redundancy_reflns_all 
_refine_ls_shell.redundancy_reflns_obs 
_refine_ls_shell.wR_factor_all 
_refine_ls_shell.wR_factor_obs 
_refine_ls_shell.wR_factor_R_free 
_refine_ls_shell.wR_factor_R_work 
_refine_ls_shell.pdbx_total_number_of_bins_used 
_refine_ls_shell.pdbx_phase_error 
_refine_ls_shell.pdbx_fsc_work 
_refine_ls_shell.pdbx_fsc_free 
'X-RAY DIFFRACTION' 1.4981 1.7149  . . 142 2966 97.00 . . . 0.3332 . 0.2548 . . . . . . . . . . 
'X-RAY DIFFRACTION' 1.7149 2.1606  . . 150 3075 99.00 . . . 0.2673 . 0.2357 . . . . . . . . . . 
'X-RAY DIFFRACTION' 2.1606 38.4929 . . 162 3128 98.00 . . . 0.2064 . 0.1910 . . . . . . . . . . 
# 
_struct.entry_id                     6JQK 
_struct.title                        'Structure of C34M/N36' 
_struct.pdbx_model_details           ? 
_struct.pdbx_formula_weight          ? 
_struct.pdbx_formula_weight_method   ? 
_struct.pdbx_model_type_details      ? 
_struct.pdbx_CASP_flag               N 
# 
_struct_keywords.entry_id        6JQK 
_struct_keywords.text            'HIV, envlope, T20, VIRAL PROTEIN' 
_struct_keywords.pdbx_keywords   'VIRAL PROTEIN' 
# 
loop_
_struct_asym.id 
_struct_asym.pdbx_blank_PDB_chainid_flag 
_struct_asym.pdbx_modified 
_struct_asym.entity_id 
_struct_asym.details 
A N N 1 ? 
B N N 2 ? 
C N N 3 ? 
D N N 3 ? 
# 
loop_
_struct_ref.id 
_struct_ref.db_name 
_struct_ref.db_code 
_struct_ref.pdbx_db_accession 
_struct_ref.pdbx_db_isoform 
_struct_ref.entity_id 
_struct_ref.pdbx_seq_one_letter_code 
_struct_ref.pdbx_align_begin 
1 PDB 6JQK 6JQK ? 1 ? 1 
2 PDB 6JQK 6JQK ? 2 ? 1 
# 
loop_
_struct_ref_seq.align_id 
_struct_ref_seq.ref_id 
_struct_ref_seq.pdbx_PDB_id_code 
_struct_ref_seq.pdbx_strand_id 
_struct_ref_seq.seq_align_beg 
_struct_ref_seq.pdbx_seq_align_beg_ins_code 
_struct_ref_seq.seq_align_end 
_struct_ref_seq.pdbx_seq_align_end_ins_code 
_struct_ref_seq.pdbx_db_accession 
_struct_ref_seq.db_align_beg 
_struct_ref_seq.pdbx_db_align_beg_ins_code 
_struct_ref_seq.db_align_end 
_struct_ref_seq.pdbx_db_align_end_ins_code 
_struct_ref_seq.pdbx_auth_seq_align_beg 
_struct_ref_seq.pdbx_auth_seq_align_end 
1 1 6JQK N 1 ? 37 ? 6JQK 545 ? 581 ? 545 581 
2 2 6JQK C 1 ? 35 ? 6JQK 627 ? 661 ? 627 661 
# 
loop_
_pdbx_struct_assembly.id 
_pdbx_struct_assembly.details 
_pdbx_struct_assembly.method_details 
_pdbx_struct_assembly.oligomeric_details 
_pdbx_struct_assembly.oligomeric_count 
1 author_and_software_defined_assembly PISA dimeric   2 
2 software_defined_assembly            PISA hexameric 6 
# 
loop_
_pdbx_struct_assembly_prop.biol_id 
_pdbx_struct_assembly_prop.type 
_pdbx_struct_assembly_prop.value 
_pdbx_struct_assembly_prop.details 
1 'ABSA (A^2)' 1760  ? 
1 MORE         -14   ? 
1 'SSA (A^2)'  5710  ? 
2 'ABSA (A^2)' 12300 ? 
2 MORE         -111  ? 
2 'SSA (A^2)'  10110 ? 
# 
loop_
_pdbx_struct_assembly_gen.assembly_id 
_pdbx_struct_assembly_gen.oper_expression 
_pdbx_struct_assembly_gen.asym_id_list 
1 1     A,B,C,D 
2 1,2,3 A,B,C,D 
# 
_pdbx_struct_assembly_auth_evidence.id                     1 
_pdbx_struct_assembly_auth_evidence.assembly_id            1 
_pdbx_struct_assembly_auth_evidence.experimental_support   'gel filtration' 
_pdbx_struct_assembly_auth_evidence.details                ? 
# 
loop_
_pdbx_struct_oper_list.id 
_pdbx_struct_oper_list.type 
_pdbx_struct_oper_list.name 
_pdbx_struct_oper_list.symmetry_operation 
_pdbx_struct_oper_list.matrix[1][1] 
_pdbx_struct_oper_list.matrix[1][2] 
_pdbx_struct_oper_list.matrix[1][3] 
_pdbx_struct_oper_list.vector[1] 
_pdbx_struct_oper_list.matrix[2][1] 
_pdbx_struct_oper_list.matrix[2][2] 
_pdbx_struct_oper_list.matrix[2][3] 
_pdbx_struct_oper_list.vector[2] 
_pdbx_struct_oper_list.matrix[3][1] 
_pdbx_struct_oper_list.matrix[3][2] 
_pdbx_struct_oper_list.matrix[3][3] 
_pdbx_struct_oper_list.vector[3] 
1 'identity operation'         1_555 x,y,z       1.0000000000 0.0000000000 0.0000000000  0.0000000000  0.0000000000 1.0000000000 0.0000000000  0.0000000000  0.0000000000  0.0000000000  1.0000000000  0.0000000000   
2 'crystal symmetry operation' 2_565 -y,x-y+1,z  0.1658293928 0.1734694114 -0.9707775110 -9.2023556895 0.9855811806 0.0044078444 0.1691458166  4.8843322290  0.0336206615  -0.9848293935 -0.1702372371 -7.0353320716  
3 'crystal symmetry operation' 3_455 -x+y-1,-x,z 0.1658293928 0.9855811806 0.0336206615  -3.0513523515 0.1734694114 0.0044078444 -0.9848293935 -5.3538039683 -0.9707775110 0.1691458166  -0.1702372371 -10.9572798096 
# 
loop_
_struct_conf.conf_type_id 
_struct_conf.id 
_struct_conf.pdbx_PDB_helix_id 
_struct_conf.beg_label_comp_id 
_struct_conf.beg_label_asym_id 
_struct_conf.beg_label_seq_id 
_struct_conf.pdbx_beg_PDB_ins_code 
_struct_conf.end_label_comp_id 
_struct_conf.end_label_asym_id 
_struct_conf.end_label_seq_id 
_struct_conf.pdbx_end_PDB_ins_code 
_struct_conf.beg_auth_comp_id 
_struct_conf.beg_auth_asym_id 
_struct_conf.beg_auth_seq_id 
_struct_conf.end_auth_comp_id 
_struct_conf.end_auth_asym_id 
_struct_conf.end_auth_seq_id 
_struct_conf.pdbx_PDB_helix_class 
_struct_conf.details 
_struct_conf.pdbx_PDB_helix_length 
HELX_P HELX_P1 AA1 SER A 2 ? LEU A 37 ? SER N 546 LEU N 581 1 ? 36 
HELX_P HELX_P2 AA2 TRP B 2 ? LEU B 35 ? TRP C 628 LEU C 661 1 ? 34 
# 
_struct_conf_type.id          HELX_P 
_struct_conf_type.criteria    ? 
_struct_conf_type.reference   ? 
# 
loop_
_struct_conn.id 
_struct_conn.conn_type_id 
_struct_conn.pdbx_leaving_atom_flag 
_struct_conn.pdbx_PDB_id 
_struct_conn.ptnr1_label_asym_id 
_struct_conn.ptnr1_label_comp_id 
_struct_conn.ptnr1_label_seq_id 
_struct_conn.ptnr1_label_atom_id 
_struct_conn.pdbx_ptnr1_label_alt_id 
_struct_conn.pdbx_ptnr1_PDB_ins_code 
_struct_conn.pdbx_ptnr1_standard_comp_id 
_struct_conn.ptnr1_symmetry 
_struct_conn.ptnr2_label_asym_id 
_struct_conn.ptnr2_label_comp_id 
_struct_conn.ptnr2_label_seq_id 
_struct_conn.ptnr2_label_atom_id 
_struct_conn.pdbx_ptnr2_label_alt_id 
_struct_conn.pdbx_ptnr2_PDB_ins_code 
_struct_conn.ptnr1_auth_asym_id 
_struct_conn.ptnr1_auth_comp_id 
_struct_conn.ptnr1_auth_seq_id 
_struct_conn.ptnr2_auth_asym_id 
_struct_conn.ptnr2_auth_comp_id 
_struct_conn.ptnr2_auth_seq_id 
_struct_conn.ptnr2_symmetry 
_struct_conn.pdbx_ptnr3_label_atom_id 
_struct_conn.pdbx_ptnr3_label_seq_id 
_struct_conn.pdbx_ptnr3_label_comp_id 
_struct_conn.pdbx_ptnr3_label_asym_id 
_struct_conn.pdbx_ptnr3_label_alt_id 
_struct_conn.pdbx_ptnr3_PDB_ins_code 
_struct_conn.details 
_struct_conn.pdbx_dist_value 
_struct_conn.pdbx_value_order 
_struct_conn.pdbx_role 
covale1 covale both ? A ACE 1 C ? ? ? 1_555 A SER 2 N ? ? N ACE 545 N SER 546 1_555 ? ? ? ? ? ? ? 1.330 ? ? 
covale2 covale both ? B ACE 1 C ? ? ? 1_555 B TRP 2 N ? ? C ACE 627 C TRP 628 1_555 ? ? ? ? ? ? ? 1.328 ? ? 
# 
_struct_conn_type.id          covale 
_struct_conn_type.criteria    ? 
_struct_conn_type.reference   ? 
# 
loop_
_pdbx_modification_feature.ordinal 
_pdbx_modification_feature.label_comp_id 
_pdbx_modification_feature.label_asym_id 
_pdbx_modification_feature.label_seq_id 
_pdbx_modification_feature.label_alt_id 
_pdbx_modification_feature.modified_residue_label_comp_id 
_pdbx_modification_feature.modified_residue_label_asym_id 
_pdbx_modification_feature.modified_residue_label_seq_id 
_pdbx_modification_feature.modified_residue_label_alt_id 
_pdbx_modification_feature.auth_comp_id 
_pdbx_modification_feature.auth_asym_id 
_pdbx_modification_feature.auth_seq_id 
_pdbx_modification_feature.PDB_ins_code 
_pdbx_modification_feature.symmetry 
_pdbx_modification_feature.modified_residue_auth_comp_id 
_pdbx_modification_feature.modified_residue_auth_asym_id 
_pdbx_modification_feature.modified_residue_auth_seq_id 
_pdbx_modification_feature.modified_residue_PDB_ins_code 
_pdbx_modification_feature.modified_residue_symmetry 
_pdbx_modification_feature.comp_id_linking_atom 
_pdbx_modification_feature.modified_residue_id_linking_atom 
_pdbx_modification_feature.modified_residue_id 
_pdbx_modification_feature.ref_pcm_id 
_pdbx_modification_feature.ref_comp_id 
_pdbx_modification_feature.type 
_pdbx_modification_feature.category 
1 ACE A 1 ? SER A 2 ? ACE N 545 ? 1_555 SER N 546 ? 1_555 . . SER 6  ACE None 'Terminal acetylation' 
2 ACE B 1 ? TRP B 2 ? ACE C 627 ? 1_555 TRP C 628 ? 1_555 . . TRP 16 ACE None 'Terminal acetylation' 
# 
_pdbx_entry_details.entry_id                   6JQK 
_pdbx_entry_details.compound_details           ? 
_pdbx_entry_details.source_details             ? 
_pdbx_entry_details.nonpolymer_details         ? 
_pdbx_entry_details.sequence_details           ? 
_pdbx_entry_details.has_ligand_of_interest     ? 
_pdbx_entry_details.has_protein_modification   Y 
# 
loop_
_pdbx_validate_close_contact.id 
_pdbx_validate_close_contact.PDB_model_num 
_pdbx_validate_close_contact.auth_atom_id_1 
_pdbx_validate_close_contact.auth_asym_id_1 
_pdbx_validate_close_contact.auth_comp_id_1 
_pdbx_validate_close_contact.auth_seq_id_1 
_pdbx_validate_close_contact.PDB_ins_code_1 
_pdbx_validate_close_contact.label_alt_id_1 
_pdbx_validate_close_contact.auth_atom_id_2 
_pdbx_validate_close_contact.auth_asym_id_2 
_pdbx_validate_close_contact.auth_comp_id_2 
_pdbx_validate_close_contact.auth_seq_id_2 
_pdbx_validate_close_contact.PDB_ins_code_2 
_pdbx_validate_close_contact.label_alt_id_2 
_pdbx_validate_close_contact.dist 
1 1 NE N ARG 579 ? ? O N HOH 601 ? ? 2.12 
2 1 O  N HOH 613 ? ? O N HOH 616 ? ? 2.14 
# 
loop_
_pdbx_validate_symm_contact.id 
_pdbx_validate_symm_contact.PDB_model_num 
_pdbx_validate_symm_contact.auth_atom_id_1 
_pdbx_validate_symm_contact.auth_asym_id_1 
_pdbx_validate_symm_contact.auth_comp_id_1 
_pdbx_validate_symm_contact.auth_seq_id_1 
_pdbx_validate_symm_contact.PDB_ins_code_1 
_pdbx_validate_symm_contact.label_alt_id_1 
_pdbx_validate_symm_contact.site_symmetry_1 
_pdbx_validate_symm_contact.auth_atom_id_2 
_pdbx_validate_symm_contact.auth_asym_id_2 
_pdbx_validate_symm_contact.auth_comp_id_2 
_pdbx_validate_symm_contact.auth_seq_id_2 
_pdbx_validate_symm_contact.PDB_ins_code_2 
_pdbx_validate_symm_contact.label_alt_id_2 
_pdbx_validate_symm_contact.site_symmetry_2 
_pdbx_validate_symm_contact.dist 
1 1 O C HOH 707 ? ? 1_555 O C HOH 714 ? ? 5_555  1.99 
2 1 O C HOH 715 ? ? 1_555 O C HOH 722 ? ? 10_455 2.17 
3 1 O C HOH 704 ? ? 1_555 O C HOH 713 ? ? 10_455 2.17 
# 
loop_
_pdbx_struct_special_symmetry.id 
_pdbx_struct_special_symmetry.PDB_model_num 
_pdbx_struct_special_symmetry.auth_asym_id 
_pdbx_struct_special_symmetry.auth_comp_id 
_pdbx_struct_special_symmetry.auth_seq_id 
_pdbx_struct_special_symmetry.PDB_ins_code 
_pdbx_struct_special_symmetry.label_asym_id 
_pdbx_struct_special_symmetry.label_comp_id 
_pdbx_struct_special_symmetry.label_seq_id 
1 1 N HOH 602 ? C HOH . 
2 1 N HOH 607 ? C HOH . 
3 1 N HOH 612 ? C HOH . 
4 1 N HOH 617 ? C HOH . 
5 1 C HOH 723 ? D HOH . 
# 
loop_
_pdbx_unobs_or_zero_occ_residues.id 
_pdbx_unobs_or_zero_occ_residues.PDB_model_num 
_pdbx_unobs_or_zero_occ_residues.polymer_flag 
_pdbx_unobs_or_zero_occ_residues.occupancy_flag 
_pdbx_unobs_or_zero_occ_residues.auth_asym_id 
_pdbx_unobs_or_zero_occ_residues.auth_comp_id 
_pdbx_unobs_or_zero_occ_residues.auth_seq_id 
_pdbx_unobs_or_zero_occ_residues.PDB_ins_code 
_pdbx_unobs_or_zero_occ_residues.label_asym_id 
_pdbx_unobs_or_zero_occ_residues.label_comp_id 
_pdbx_unobs_or_zero_occ_residues.label_seq_id 
1 1 Y 0 N ACE 545 ? A ACE 1 
2 1 Y 0 C ACE 627 ? B ACE 1 
# 
loop_
_chem_comp_atom.comp_id 
_chem_comp_atom.atom_id 
_chem_comp_atom.type_symbol 
_chem_comp_atom.pdbx_aromatic_flag 
_chem_comp_atom.pdbx_stereo_config 
_chem_comp_atom.pdbx_ordinal 
ACE C    C N N 1   
ACE O    O N N 2   
ACE CH3  C N N 3   
ACE H    H N N 4   
ACE H1   H N N 5   
ACE H2   H N N 6   
ACE H3   H N N 7   
ALA N    N N N 8   
ALA CA   C N S 9   
ALA C    C N N 10  
ALA O    O N N 11  
ALA CB   C N N 12  
ALA OXT  O N N 13  
ALA H    H N N 14  
ALA H2   H N N 15  
ALA HA   H N N 16  
ALA HB1  H N N 17  
ALA HB2  H N N 18  
ALA HB3  H N N 19  
ALA HXT  H N N 20  
ARG N    N N N 21  
ARG CA   C N S 22  
ARG C    C N N 23  
ARG O    O N N 24  
ARG CB   C N N 25  
ARG CG   C N N 26  
ARG CD   C N N 27  
ARG NE   N N N 28  
ARG CZ   C N N 29  
ARG NH1  N N N 30  
ARG NH2  N N N 31  
ARG OXT  O N N 32  
ARG H    H N N 33  
ARG H2   H N N 34  
ARG HA   H N N 35  
ARG HB2  H N N 36  
ARG HB3  H N N 37  
ARG HG2  H N N 38  
ARG HG3  H N N 39  
ARG HD2  H N N 40  
ARG HD3  H N N 41  
ARG HE   H N N 42  
ARG HH11 H N N 43  
ARG HH12 H N N 44  
ARG HH21 H N N 45  
ARG HH22 H N N 46  
ARG HXT  H N N 47  
ASN N    N N N 48  
ASN CA   C N S 49  
ASN C    C N N 50  
ASN O    O N N 51  
ASN CB   C N N 52  
ASN CG   C N N 53  
ASN OD1  O N N 54  
ASN ND2  N N N 55  
ASN OXT  O N N 56  
ASN H    H N N 57  
ASN H2   H N N 58  
ASN HA   H N N 59  
ASN HB2  H N N 60  
ASN HB3  H N N 61  
ASN HD21 H N N 62  
ASN HD22 H N N 63  
ASN HXT  H N N 64  
GLN N    N N N 65  
GLN CA   C N S 66  
GLN C    C N N 67  
GLN O    O N N 68  
GLN CB   C N N 69  
GLN CG   C N N 70  
GLN CD   C N N 71  
GLN OE1  O N N 72  
GLN NE2  N N N 73  
GLN OXT  O N N 74  
GLN H    H N N 75  
GLN H2   H N N 76  
GLN HA   H N N 77  
GLN HB2  H N N 78  
GLN HB3  H N N 79  
GLN HG2  H N N 80  
GLN HG3  H N N 81  
GLN HE21 H N N 82  
GLN HE22 H N N 83  
GLN HXT  H N N 84  
GLU N    N N N 85  
GLU CA   C N S 86  
GLU C    C N N 87  
GLU O    O N N 88  
GLU CB   C N N 89  
GLU CG   C N N 90  
GLU CD   C N N 91  
GLU OE1  O N N 92  
GLU OE2  O N N 93  
GLU OXT  O N N 94  
GLU H    H N N 95  
GLU H2   H N N 96  
GLU HA   H N N 97  
GLU HB2  H N N 98  
GLU HB3  H N N 99  
GLU HG2  H N N 100 
GLU HG3  H N N 101 
GLU HE2  H N N 102 
GLU HXT  H N N 103 
GLY N    N N N 104 
GLY CA   C N N 105 
GLY C    C N N 106 
GLY O    O N N 107 
GLY OXT  O N N 108 
GLY H    H N N 109 
GLY H2   H N N 110 
GLY HA2  H N N 111 
GLY HA3  H N N 112 
GLY HXT  H N N 113 
HIS N    N N N 114 
HIS CA   C N S 115 
HIS C    C N N 116 
HIS O    O N N 117 
HIS CB   C N N 118 
HIS CG   C Y N 119 
HIS ND1  N Y N 120 
HIS CD2  C Y N 121 
HIS CE1  C Y N 122 
HIS NE2  N Y N 123 
HIS OXT  O N N 124 
HIS H    H N N 125 
HIS H2   H N N 126 
HIS HA   H N N 127 
HIS HB2  H N N 128 
HIS HB3  H N N 129 
HIS HD1  H N N 130 
HIS HD2  H N N 131 
HIS HE1  H N N 132 
HIS HE2  H N N 133 
HIS HXT  H N N 134 
HOH O    O N N 135 
HOH H1   H N N 136 
HOH H2   H N N 137 
ILE N    N N N 138 
ILE CA   C N S 139 
ILE C    C N N 140 
ILE O    O N N 141 
ILE CB   C N S 142 
ILE CG1  C N N 143 
ILE CG2  C N N 144 
ILE CD1  C N N 145 
ILE OXT  O N N 146 
ILE H    H N N 147 
ILE H2   H N N 148 
ILE HA   H N N 149 
ILE HB   H N N 150 
ILE HG12 H N N 151 
ILE HG13 H N N 152 
ILE HG21 H N N 153 
ILE HG22 H N N 154 
ILE HG23 H N N 155 
ILE HD11 H N N 156 
ILE HD12 H N N 157 
ILE HD13 H N N 158 
ILE HXT  H N N 159 
LEU N    N N N 160 
LEU CA   C N S 161 
LEU C    C N N 162 
LEU O    O N N 163 
LEU CB   C N N 164 
LEU CG   C N N 165 
LEU CD1  C N N 166 
LEU CD2  C N N 167 
LEU OXT  O N N 168 
LEU H    H N N 169 
LEU H2   H N N 170 
LEU HA   H N N 171 
LEU HB2  H N N 172 
LEU HB3  H N N 173 
LEU HG   H N N 174 
LEU HD11 H N N 175 
LEU HD12 H N N 176 
LEU HD13 H N N 177 
LEU HD21 H N N 178 
LEU HD22 H N N 179 
LEU HD23 H N N 180 
LEU HXT  H N N 181 
LYS N    N N N 182 
LYS CA   C N S 183 
LYS C    C N N 184 
LYS O    O N N 185 
LYS CB   C N N 186 
LYS CG   C N N 187 
LYS CD   C N N 188 
LYS CE   C N N 189 
LYS NZ   N N N 190 
LYS OXT  O N N 191 
LYS H    H N N 192 
LYS H2   H N N 193 
LYS HA   H N N 194 
LYS HB2  H N N 195 
LYS HB3  H N N 196 
LYS HG2  H N N 197 
LYS HG3  H N N 198 
LYS HD2  H N N 199 
LYS HD3  H N N 200 
LYS HE2  H N N 201 
LYS HE3  H N N 202 
LYS HZ1  H N N 203 
LYS HZ2  H N N 204 
LYS HZ3  H N N 205 
LYS HXT  H N N 206 
PHE N    N N N 207 
PHE CA   C N S 208 
PHE C    C N N 209 
PHE O    O N N 210 
PHE CB   C N N 211 
PHE CG   C Y N 212 
PHE CD1  C Y N 213 
PHE CD2  C Y N 214 
PHE CE1  C Y N 215 
PHE CE2  C Y N 216 
PHE CZ   C Y N 217 
PHE OXT  O N N 218 
PHE H    H N N 219 
PHE H2   H N N 220 
PHE HA   H N N 221 
PHE HB2  H N N 222 
PHE HB3  H N N 223 
PHE HD1  H N N 224 
PHE HD2  H N N 225 
PHE HE1  H N N 226 
PHE HE2  H N N 227 
PHE HZ   H N N 228 
PHE HXT  H N N 229 
SER N    N N N 230 
SER CA   C N S 231 
SER C    C N N 232 
SER O    O N N 233 
SER CB   C N N 234 
SER OG   O N N 235 
SER OXT  O N N 236 
SER H    H N N 237 
SER H2   H N N 238 
SER HA   H N N 239 
SER HB2  H N N 240 
SER HB3  H N N 241 
SER HG   H N N 242 
SER HXT  H N N 243 
THR N    N N N 244 
THR CA   C N S 245 
THR C    C N N 246 
THR O    O N N 247 
THR CB   C N R 248 
THR OG1  O N N 249 
THR CG2  C N N 250 
THR OXT  O N N 251 
THR H    H N N 252 
THR H2   H N N 253 
THR HA   H N N 254 
THR HB   H N N 255 
THR HG1  H N N 256 
THR HG21 H N N 257 
THR HG22 H N N 258 
THR HG23 H N N 259 
THR HXT  H N N 260 
TRP N    N N N 261 
TRP CA   C N S 262 
TRP C    C N N 263 
TRP O    O N N 264 
TRP CB   C N N 265 
TRP CG   C Y N 266 
TRP CD1  C Y N 267 
TRP CD2  C Y N 268 
TRP NE1  N Y N 269 
TRP CE2  C Y N 270 
TRP CE3  C Y N 271 
TRP CZ2  C Y N 272 
TRP CZ3  C Y N 273 
TRP CH2  C Y N 274 
TRP OXT  O N N 275 
TRP H    H N N 276 
TRP H2   H N N 277 
TRP HA   H N N 278 
TRP HB2  H N N 279 
TRP HB3  H N N 280 
TRP HD1  H N N 281 
TRP HE1  H N N 282 
TRP HE3  H N N 283 
TRP HZ2  H N N 284 
TRP HZ3  H N N 285 
TRP HH2  H N N 286 
TRP HXT  H N N 287 
TYR N    N N N 288 
TYR CA   C N S 289 
TYR C    C N N 290 
TYR O    O N N 291 
TYR CB   C N N 292 
TYR CG   C Y N 293 
TYR CD1  C Y N 294 
TYR CD2  C Y N 295 
TYR CE1  C Y N 296 
TYR CE2  C Y N 297 
TYR CZ   C Y N 298 
TYR OH   O N N 299 
TYR OXT  O N N 300 
TYR H    H N N 301 
TYR H2   H N N 302 
TYR HA   H N N 303 
TYR HB2  H N N 304 
TYR HB3  H N N 305 
TYR HD1  H N N 306 
TYR HD2  H N N 307 
TYR HE1  H N N 308 
TYR HE2  H N N 309 
TYR HH   H N N 310 
TYR HXT  H N N 311 
VAL N    N N N 312 
VAL CA   C N S 313 
VAL C    C N N 314 
VAL O    O N N 315 
VAL CB   C N N 316 
VAL CG1  C N N 317 
VAL CG2  C N N 318 
VAL OXT  O N N 319 
VAL H    H N N 320 
VAL H2   H N N 321 
VAL HA   H N N 322 
VAL HB   H N N 323 
VAL HG11 H N N 324 
VAL HG12 H N N 325 
VAL HG13 H N N 326 
VAL HG21 H N N 327 
VAL HG22 H N N 328 
VAL HG23 H N N 329 
VAL HXT  H N N 330 
# 
loop_
_chem_comp_bond.comp_id 
_chem_comp_bond.atom_id_1 
_chem_comp_bond.atom_id_2 
_chem_comp_bond.value_order 
_chem_comp_bond.pdbx_aromatic_flag 
_chem_comp_bond.pdbx_stereo_config 
_chem_comp_bond.pdbx_ordinal 
ACE C   O    doub N N 1   
ACE C   CH3  sing N N 2   
ACE C   H    sing N N 3   
ACE CH3 H1   sing N N 4   
ACE CH3 H2   sing N N 5   
ACE CH3 H3   sing N N 6   
ALA N   CA   sing N N 7   
ALA N   H    sing N N 8   
ALA N   H2   sing N N 9   
ALA CA  C    sing N N 10  
ALA CA  CB   sing N N 11  
ALA CA  HA   sing N N 12  
ALA C   O    doub N N 13  
ALA C   OXT  sing N N 14  
ALA CB  HB1  sing N N 15  
ALA CB  HB2  sing N N 16  
ALA CB  HB3  sing N N 17  
ALA OXT HXT  sing N N 18  
ARG N   CA   sing N N 19  
ARG N   H    sing N N 20  
ARG N   H2   sing N N 21  
ARG CA  C    sing N N 22  
ARG CA  CB   sing N N 23  
ARG CA  HA   sing N N 24  
ARG C   O    doub N N 25  
ARG C   OXT  sing N N 26  
ARG CB  CG   sing N N 27  
ARG CB  HB2  sing N N 28  
ARG CB  HB3  sing N N 29  
ARG CG  CD   sing N N 30  
ARG CG  HG2  sing N N 31  
ARG CG  HG3  sing N N 32  
ARG CD  NE   sing N N 33  
ARG CD  HD2  sing N N 34  
ARG CD  HD3  sing N N 35  
ARG NE  CZ   sing N N 36  
ARG NE  HE   sing N N 37  
ARG CZ  NH1  sing N N 38  
ARG CZ  NH2  doub N N 39  
ARG NH1 HH11 sing N N 40  
ARG NH1 HH12 sing N N 41  
ARG NH2 HH21 sing N N 42  
ARG NH2 HH22 sing N N 43  
ARG OXT HXT  sing N N 44  
ASN N   CA   sing N N 45  
ASN N   H    sing N N 46  
ASN N   H2   sing N N 47  
ASN CA  C    sing N N 48  
ASN CA  CB   sing N N 49  
ASN CA  HA   sing N N 50  
ASN C   O    doub N N 51  
ASN C   OXT  sing N N 52  
ASN CB  CG   sing N N 53  
ASN CB  HB2  sing N N 54  
ASN CB  HB3  sing N N 55  
ASN CG  OD1  doub N N 56  
ASN CG  ND2  sing N N 57  
ASN ND2 HD21 sing N N 58  
ASN ND2 HD22 sing N N 59  
ASN OXT HXT  sing N N 60  
GLN N   CA   sing N N 61  
GLN N   H    sing N N 62  
GLN N   H2   sing N N 63  
GLN CA  C    sing N N 64  
GLN CA  CB   sing N N 65  
GLN CA  HA   sing N N 66  
GLN C   O    doub N N 67  
GLN C   OXT  sing N N 68  
GLN CB  CG   sing N N 69  
GLN CB  HB2  sing N N 70  
GLN CB  HB3  sing N N 71  
GLN CG  CD   sing N N 72  
GLN CG  HG2  sing N N 73  
GLN CG  HG3  sing N N 74  
GLN CD  OE1  doub N N 75  
GLN CD  NE2  sing N N 76  
GLN NE2 HE21 sing N N 77  
GLN NE2 HE22 sing N N 78  
GLN OXT HXT  sing N N 79  
GLU N   CA   sing N N 80  
GLU N   H    sing N N 81  
GLU N   H2   sing N N 82  
GLU CA  C    sing N N 83  
GLU CA  CB   sing N N 84  
GLU CA  HA   sing N N 85  
GLU C   O    doub N N 86  
GLU C   OXT  sing N N 87  
GLU CB  CG   sing N N 88  
GLU CB  HB2  sing N N 89  
GLU CB  HB3  sing N N 90  
GLU CG  CD   sing N N 91  
GLU CG  HG2  sing N N 92  
GLU CG  HG3  sing N N 93  
GLU CD  OE1  doub N N 94  
GLU CD  OE2  sing N N 95  
GLU OE2 HE2  sing N N 96  
GLU OXT HXT  sing N N 97  
GLY N   CA   sing N N 98  
GLY N   H    sing N N 99  
GLY N   H2   sing N N 100 
GLY CA  C    sing N N 101 
GLY CA  HA2  sing N N 102 
GLY CA  HA3  sing N N 103 
GLY C   O    doub N N 104 
GLY C   OXT  sing N N 105 
GLY OXT HXT  sing N N 106 
HIS N   CA   sing N N 107 
HIS N   H    sing N N 108 
HIS N   H2   sing N N 109 
HIS CA  C    sing N N 110 
HIS CA  CB   sing N N 111 
HIS CA  HA   sing N N 112 
HIS C   O    doub N N 113 
HIS C   OXT  sing N N 114 
HIS CB  CG   sing N N 115 
HIS CB  HB2  sing N N 116 
HIS CB  HB3  sing N N 117 
HIS CG  ND1  sing Y N 118 
HIS CG  CD2  doub Y N 119 
HIS ND1 CE1  doub Y N 120 
HIS ND1 HD1  sing N N 121 
HIS CD2 NE2  sing Y N 122 
HIS CD2 HD2  sing N N 123 
HIS CE1 NE2  sing Y N 124 
HIS CE1 HE1  sing N N 125 
HIS NE2 HE2  sing N N 126 
HIS OXT HXT  sing N N 127 
HOH O   H1   sing N N 128 
HOH O   H2   sing N N 129 
ILE N   CA   sing N N 130 
ILE N   H    sing N N 131 
ILE N   H2   sing N N 132 
ILE CA  C    sing N N 133 
ILE CA  CB   sing N N 134 
ILE CA  HA   sing N N 135 
ILE C   O    doub N N 136 
ILE C   OXT  sing N N 137 
ILE CB  CG1  sing N N 138 
ILE CB  CG2  sing N N 139 
ILE CB  HB   sing N N 140 
ILE CG1 CD1  sing N N 141 
ILE CG1 HG12 sing N N 142 
ILE CG1 HG13 sing N N 143 
ILE CG2 HG21 sing N N 144 
ILE CG2 HG22 sing N N 145 
ILE CG2 HG23 sing N N 146 
ILE CD1 HD11 sing N N 147 
ILE CD1 HD12 sing N N 148 
ILE CD1 HD13 sing N N 149 
ILE OXT HXT  sing N N 150 
LEU N   CA   sing N N 151 
LEU N   H    sing N N 152 
LEU N   H2   sing N N 153 
LEU CA  C    sing N N 154 
LEU CA  CB   sing N N 155 
LEU CA  HA   sing N N 156 
LEU C   O    doub N N 157 
LEU C   OXT  sing N N 158 
LEU CB  CG   sing N N 159 
LEU CB  HB2  sing N N 160 
LEU CB  HB3  sing N N 161 
LEU CG  CD1  sing N N 162 
LEU CG  CD2  sing N N 163 
LEU CG  HG   sing N N 164 
LEU CD1 HD11 sing N N 165 
LEU CD1 HD12 sing N N 166 
LEU CD1 HD13 sing N N 167 
LEU CD2 HD21 sing N N 168 
LEU CD2 HD22 sing N N 169 
LEU CD2 HD23 sing N N 170 
LEU OXT HXT  sing N N 171 
LYS N   CA   sing N N 172 
LYS N   H    sing N N 173 
LYS N   H2   sing N N 174 
LYS CA  C    sing N N 175 
LYS CA  CB   sing N N 176 
LYS CA  HA   sing N N 177 
LYS C   O    doub N N 178 
LYS C   OXT  sing N N 179 
LYS CB  CG   sing N N 180 
LYS CB  HB2  sing N N 181 
LYS CB  HB3  sing N N 182 
LYS CG  CD   sing N N 183 
LYS CG  HG2  sing N N 184 
LYS CG  HG3  sing N N 185 
LYS CD  CE   sing N N 186 
LYS CD  HD2  sing N N 187 
LYS CD  HD3  sing N N 188 
LYS CE  NZ   sing N N 189 
LYS CE  HE2  sing N N 190 
LYS CE  HE3  sing N N 191 
LYS NZ  HZ1  sing N N 192 
LYS NZ  HZ2  sing N N 193 
LYS NZ  HZ3  sing N N 194 
LYS OXT HXT  sing N N 195 
PHE N   CA   sing N N 196 
PHE N   H    sing N N 197 
PHE N   H2   sing N N 198 
PHE CA  C    sing N N 199 
PHE CA  CB   sing N N 200 
PHE CA  HA   sing N N 201 
PHE C   O    doub N N 202 
PHE C   OXT  sing N N 203 
PHE CB  CG   sing N N 204 
PHE CB  HB2  sing N N 205 
PHE CB  HB3  sing N N 206 
PHE CG  CD1  doub Y N 207 
PHE CG  CD2  sing Y N 208 
PHE CD1 CE1  sing Y N 209 
PHE CD1 HD1  sing N N 210 
PHE CD2 CE2  doub Y N 211 
PHE CD2 HD2  sing N N 212 
PHE CE1 CZ   doub Y N 213 
PHE CE1 HE1  sing N N 214 
PHE CE2 CZ   sing Y N 215 
PHE CE2 HE2  sing N N 216 
PHE CZ  HZ   sing N N 217 
PHE OXT HXT  sing N N 218 
SER N   CA   sing N N 219 
SER N   H    sing N N 220 
SER N   H2   sing N N 221 
SER CA  C    sing N N 222 
SER CA  CB   sing N N 223 
SER CA  HA   sing N N 224 
SER C   O    doub N N 225 
SER C   OXT  sing N N 226 
SER CB  OG   sing N N 227 
SER CB  HB2  sing N N 228 
SER CB  HB3  sing N N 229 
SER OG  HG   sing N N 230 
SER OXT HXT  sing N N 231 
THR N   CA   sing N N 232 
THR N   H    sing N N 233 
THR N   H2   sing N N 234 
THR CA  C    sing N N 235 
THR CA  CB   sing N N 236 
THR CA  HA   sing N N 237 
THR C   O    doub N N 238 
THR C   OXT  sing N N 239 
THR CB  OG1  sing N N 240 
THR CB  CG2  sing N N 241 
THR CB  HB   sing N N 242 
THR OG1 HG1  sing N N 243 
THR CG2 HG21 sing N N 244 
THR CG2 HG22 sing N N 245 
THR CG2 HG23 sing N N 246 
THR OXT HXT  sing N N 247 
TRP N   CA   sing N N 248 
TRP N   H    sing N N 249 
TRP N   H2   sing N N 250 
TRP CA  C    sing N N 251 
TRP CA  CB   sing N N 252 
TRP CA  HA   sing N N 253 
TRP C   O    doub N N 254 
TRP C   OXT  sing N N 255 
TRP CB  CG   sing N N 256 
TRP CB  HB2  sing N N 257 
TRP CB  HB3  sing N N 258 
TRP CG  CD1  doub Y N 259 
TRP CG  CD2  sing Y N 260 
TRP CD1 NE1  sing Y N 261 
TRP CD1 HD1  sing N N 262 
TRP CD2 CE2  doub Y N 263 
TRP CD2 CE3  sing Y N 264 
TRP NE1 CE2  sing Y N 265 
TRP NE1 HE1  sing N N 266 
TRP CE2 CZ2  sing Y N 267 
TRP CE3 CZ3  doub Y N 268 
TRP CE3 HE3  sing N N 269 
TRP CZ2 CH2  doub Y N 270 
TRP CZ2 HZ2  sing N N 271 
TRP CZ3 CH2  sing Y N 272 
TRP CZ3 HZ3  sing N N 273 
TRP CH2 HH2  sing N N 274 
TRP OXT HXT  sing N N 275 
TYR N   CA   sing N N 276 
TYR N   H    sing N N 277 
TYR N   H2   sing N N 278 
TYR CA  C    sing N N 279 
TYR CA  CB   sing N N 280 
TYR CA  HA   sing N N 281 
TYR C   O    doub N N 282 
TYR C   OXT  sing N N 283 
TYR CB  CG   sing N N 284 
TYR CB  HB2  sing N N 285 
TYR CB  HB3  sing N N 286 
TYR CG  CD1  doub Y N 287 
TYR CG  CD2  sing Y N 288 
TYR CD1 CE1  sing Y N 289 
TYR CD1 HD1  sing N N 290 
TYR CD2 CE2  doub Y N 291 
TYR CD2 HD2  sing N N 292 
TYR CE1 CZ   doub Y N 293 
TYR CE1 HE1  sing N N 294 
TYR CE2 CZ   sing Y N 295 
TYR CE2 HE2  sing N N 296 
TYR CZ  OH   sing N N 297 
TYR OH  HH   sing N N 298 
TYR OXT HXT  sing N N 299 
VAL N   CA   sing N N 300 
VAL N   H    sing N N 301 
VAL N   H2   sing N N 302 
VAL CA  C    sing N N 303 
VAL CA  CB   sing N N 304 
VAL CA  HA   sing N N 305 
VAL C   O    doub N N 306 
VAL C   OXT  sing N N 307 
VAL CB  CG1  sing N N 308 
VAL CB  CG2  sing N N 309 
VAL CB  HB   sing N N 310 
VAL CG1 HG11 sing N N 311 
VAL CG1 HG12 sing N N 312 
VAL CG1 HG13 sing N N 313 
VAL CG2 HG21 sing N N 314 
VAL CG2 HG22 sing N N 315 
VAL CG2 HG23 sing N N 316 
VAL OXT HXT  sing N N 317 
# 
_pdbx_initial_refinement_model.id               1 
_pdbx_initial_refinement_model.entity_id_list   ? 
_pdbx_initial_refinement_model.type             'experimental model' 
_pdbx_initial_refinement_model.source_name      PDB 
_pdbx_initial_refinement_model.accession_code   1AIK 
_pdbx_initial_refinement_model.details          ? 
# 
_atom_sites.entry_id                    6JQK 
_atom_sites.fract_transf_matrix[1][1]   -0.01543131 
_atom_sites.fract_transf_matrix[1][2]   0.01957905 
_atom_sites.fract_transf_matrix[1][3]   0.00228762 
_atom_sites.fract_transf_matrix[2][1]   -0.01681475 
_atom_sites.fract_transf_matrix[2][2]   0.00484352 
_atom_sites.fract_transf_matrix[2][3]   -0.01790268 
_atom_sites.fract_transf_matrix[3][1]   -0.00464775 
_atom_sites.fract_transf_matrix[3][2]   -0.00404531 
_atom_sites.fract_transf_matrix[3][3]   0.00327086 
_atom_sites.fract_transf_vector[1]      -0.379583 
_atom_sites.fract_transf_vector[2]      0.158043 
_atom_sites.fract_transf_vector[3]      0.073017 
# 
loop_
_atom_type.symbol 
C 
H 
N 
O 
# 
loop_
_atom_site.group_PDB 
_atom_site.id 
_atom_site.type_symbol 
_atom_site.label_atom_id 
_atom_site.label_alt_id 
_atom_site.label_comp_id 
_atom_site.label_asym_id 
_atom_site.label_entity_id 
_atom_site.label_seq_id 
_atom_site.pdbx_PDB_ins_code 
_atom_site.Cartn_x 
_atom_site.Cartn_y 
_atom_site.Cartn_z 
_atom_site.occupancy 
_atom_site.B_iso_or_equiv 
_atom_site.pdbx_formal_charge 
_atom_site.auth_seq_id 
_atom_site.auth_comp_id 
_atom_site.auth_asym_id 
_atom_site.auth_atom_id 
_atom_site.pdbx_PDB_model_num 
HETATM 1   C C    . ACE A 1 1  ? 15.190  13.585  -12.019 0.00 26.80  ? 545 ACE N C    1 
HETATM 2   O O    . ACE A 1 1  ? 14.419  12.657  -12.251 0.00 24.94  ? 545 ACE N O    1 
HETATM 3   C CH3  . ACE A 1 1  ? 15.133  14.881  -12.771 0.00 27.13  ? 545 ACE N CH3  1 
ATOM   4   N N    . SER A 1 2  ? 16.136  13.509  -11.087 1.00 32.99  ? 546 SER N N    1 
ATOM   5   C CA   . SER A 1 2  ? 16.311  12.314  -10.273 1.00 26.02  ? 546 SER N CA   1 
ATOM   6   C C    . SER A 1 2  ? 15.103  12.135  -9.368  1.00 21.78  ? 546 SER N C    1 
ATOM   7   O O    . SER A 1 2  ? 14.778  11.027  -8.959  1.00 22.75  ? 546 SER N O    1 
ATOM   8   C CB   . SER A 1 2  ? 17.567  12.422  -9.415  1.00 34.47  ? 546 SER N CB   1 
ATOM   9   O OG   . SER A 1 2  ? 17.495  13.559  -8.567  1.00 37.87  ? 546 SER N OG   1 
ATOM   10  H H    . SER A 1 2  ? 16.688  14.142  -10.902 1.00 39.59  ? 546 SER N H    1 
ATOM   11  H HG   . SER A 1 2  ? 18.190  13.612  -8.097  1.00 45.44  ? 546 SER N HG   1 
ATOM   12  N N    . GLY A 1 3  ? 14.446  13.254  -9.057  1.00 25.44  ? 547 GLY N N    1 
ATOM   13  C CA   . GLY A 1 3  ? 13.239  13.210  -8.250  1.00 21.55  ? 547 GLY N CA   1 
ATOM   14  C C    . GLY A 1 3  ? 12.085  12.530  -8.954  1.00 18.73  ? 547 GLY N C    1 
ATOM   15  O O    . GLY A 1 3  ? 11.204  11.960  -8.303  1.00 17.81  ? 547 GLY N O    1 
ATOM   16  H H    . GLY A 1 3  ? 14.682  14.044  -9.301  1.00 30.52  ? 547 GLY N H    1 
ATOM   17  N N    . ILE A 1 4  ? 12.060  12.603  -10.281 1.00 18.66  ? 548 ILE N N    1 
ATOM   18  C CA   . ILE A 1 4  ? 11.041  11.903  -11.054 1.00 19.07  ? 548 ILE N CA   1 
ATOM   19  C C    . ILE A 1 4  ? 11.256  10.394  -10.989 1.00 16.50  ? 548 ILE N C    1 
ATOM   20  O O    . ILE A 1 4  ? 10.300  9.627   -10.803 1.00 18.76  ? 548 ILE N O    1 
ATOM   21  C CB   . ILE A 1 4  ? 11.004  12.435  -12.497 1.00 20.34  ? 548 ILE N CB   1 
ATOM   22  C CG1  . ILE A 1 4  ? 10.444  13.872  -12.527 1.00 21.54  ? 548 ILE N CG1  1 
ATOM   23  C CG2  . ILE A 1 4  ? 10.171  11.539  -13.371 1.00 23.02  ? 548 ILE N CG2  1 
ATOM   24  C CD1  . ILE A 1 4  ? 10.580  14.540  -13.870 1.00 23.37  ? 548 ILE N CD1  1 
ATOM   25  H H    . ILE A 1 4  ? 12.621  13.051  -10.756 1.00 22.40  ? 548 ILE N H    1 
ATOM   26  N N    . VAL A 1 5  ? 12.514  9.944   -11.131 1.00 18.27  ? 549 VAL N N    1 
ATOM   27  C CA   . VAL A 1 5  ? 12.827  8.519   -11.064 1.00 21.76  ? 549 VAL N CA   1 
ATOM   28  C C    . VAL A 1 5  ? 12.573  7.985   -9.661  1.00 19.24  ? 549 VAL N C    1 
ATOM   29  O O    . VAL A 1 5  ? 12.041  6.885   -9.493  1.00 18.90  ? 549 VAL N O    1 
ATOM   30  C CB   . VAL A 1 5  ? 14.265  8.251   -11.555 1.00 18.06  ? 549 VAL N CB   1 
ATOM   31  C CG1  . VAL A 1 5  ? 14.646  6.785   -11.368 1.00 22.23  ? 549 VAL N CG1  1 
ATOM   32  C CG2  . VAL A 1 5  ? 14.396  8.665   -13.011 1.00 20.17  ? 549 VAL N CG2  1 
ATOM   33  H H    . VAL A 1 5  ? 13.198  10.448  -11.267 1.00 21.93  ? 549 VAL N H    1 
ATOM   34  N N    . GLN A 1 6  ? 12.920  8.774   -8.636  1.00 19.29  ? 550 GLN N N    1 
ATOM   35  C CA   . GLN A 1 6  ? 12.629  8.397   -7.257  1.00 19.91  ? 550 GLN N CA   1 
ATOM   36  C C    . GLN A 1 6  ? 11.128  8.299   -7.009  1.00 17.19  ? 550 GLN N C    1 
ATOM   37  O O    . GLN A 1 6  ? 10.660  7.387   -6.321  1.00 18.31  ? 550 GLN N O    1 
ATOM   38  C CB   . GLN A 1 6  ? 13.271  9.418   -6.317  1.00 22.82  ? 550 GLN N CB   1 
ATOM   39  C CG   . GLN A 1 6  ? 12.789  9.325   -4.870  1.00 19.95  ? 550 GLN N CG   1 
ATOM   40  C CD   . GLN A 1 6  ? 13.201  8.050   -4.194  1.00 27.56  ? 550 GLN N CD   1 
ATOM   41  O OE1  . GLN A 1 6  ? 14.043  7.305   -4.700  1.00 27.61  ? 550 GLN N OE1  1 
ATOM   42  N NE2  . GLN A 1 6  ? 12.616  7.789   -3.027  1.00 29.31  ? 550 GLN N NE2  1 
ATOM   43  H H    . GLN A 1 6  ? 13.323  9.528   -8.717  1.00 23.15  ? 550 GLN N H    1 
ATOM   44  H HE21 . GLN A 1 6  ? 12.039  8.337   -2.703  1.00 35.18  ? 550 GLN N HE21 1 
ATOM   45  H HE22 . GLN A 1 6  ? 12.816  7.071   -2.597  1.00 35.18  ? 550 GLN N HE22 1 
ATOM   46  N N    . GLN A 1 7  ? 10.357  9.219   -7.589  1.00 18.21  ? 551 GLN N N    1 
ATOM   47  C CA   . GLN A 1 7  ? 8.910   9.166   -7.444  1.00 21.03  ? 551 GLN N CA   1 
ATOM   48  C C    . GLN A 1 7  ? 8.311   7.959   -8.152  1.00 17.99  ? 551 GLN N C    1 
ATOM   49  O O    . GLN A 1 7  ? 7.301   7.418   -7.695  1.00 21.13  ? 551 GLN N O    1 
ATOM   50  C CB   . GLN A 1 7  ? 8.271   10.474  -7.920  1.00 20.75  ? 551 GLN N CB   1 
ATOM   51  C CG   . GLN A 1 7  ? 6.732   10.523  -7.791  1.00 21.63  ? 551 GLN N CG   1 
ATOM   52  C CD   . GLN A 1 7  ? 6.261   10.699  -6.370  1.00 21.49  ? 551 GLN N CD   1 
ATOM   53  O OE1  . GLN A 1 7  ? 6.800   10.093  -5.433  1.00 24.07  ? 551 GLN N OE1  1 
ATOM   54  N NE2  . GLN A 1 7  ? 5.245   11.549  -6.187  1.00 26.83  ? 551 GLN N NE2  1 
ATOM   55  H H    . GLN A 1 7  ? 10.645  9.876   -8.066  1.00 21.85  ? 551 GLN N H    1 
ATOM   56  H HE21 . GLN A 1 7  ? 4.899   11.958  -6.860  1.00 32.19  ? 551 GLN N HE21 1 
ATOM   57  H HE22 . GLN A 1 7  ? 4.937   11.688  -5.395  1.00 32.19  ? 551 GLN N HE22 1 
ATOM   58  N N    . GLN A 1 8  ? 8.905   7.520   -9.259  1.00 15.49  ? 552 GLN N N    1 
ATOM   59  C CA   . GLN A 1 8  ? 8.419   6.284   -9.865  1.00 17.64  ? 552 GLN N CA   1 
ATOM   60  C C    . GLN A 1 8  ? 8.668   5.087   -8.955  1.00 17.87  ? 552 GLN N C    1 
ATOM   61  O O    . GLN A 1 8  ? 7.826   4.198   -8.860  1.00 21.42  ? 552 GLN N O    1 
ATOM   62  C CB   . GLN A 1 8  ? 9.020   6.082   -11.256 1.00 21.34  ? 552 GLN N CB   1 
ATOM   63  C CG   . GLN A 1 8  ? 8.592   7.206   -12.179 1.00 18.90  ? 552 GLN N CG   1 
ATOM   64  C CD   . GLN A 1 8  ? 8.811   6.957   -13.646 1.00 19.70  ? 552 GLN N CD   1 
ATOM   65  O OE1  . GLN A 1 8  ? 9.897   6.587   -14.081 1.00 22.72  ? 552 GLN N OE1  1 
ATOM   66  N NE2  . GLN A 1 8  ? 7.774   7.175   -14.430 1.00 24.96  ? 552 GLN N NE2  1 
ATOM   67  H H    . GLN A 1 8  ? 9.562   7.898   -9.663  1.00 18.59  ? 552 GLN N H    1 
ATOM   68  H HE21 . GLN A 1 8  ? 7.029   7.445   -14.093 1.00 29.95  ? 552 GLN N HE21 1 
ATOM   69  H HE22 . GLN A 1 8  ? 7.841   7.048   -15.278 1.00 29.95  ? 552 GLN N HE22 1 
ATOM   70  N N    . ASN A 1 9  ? 9.805   5.065   -8.254  1.00 18.18  ? 553 ASN N N    1 
ATOM   71  C CA   . ASN A 1 9  ? 10.030  4.014   -7.275  1.00 17.81  ? 553 ASN N CA   1 
ATOM   72  C C    . ASN A 1 9  ? 9.002   4.085   -6.151  1.00 17.37  ? 553 ASN N C    1 
ATOM   73  O O    . ASN A 1 9  ? 8.484   3.056   -5.714  1.00 19.50  ? 553 ASN N O    1 
ATOM   74  C CB   . ASN A 1 9  ? 11.428  4.146   -6.677  1.00 17.83  ? 553 ASN N CB   1 
ATOM   75  C CG   . ASN A 1 9  ? 11.839  2.902   -5.910  1.00 25.25  ? 553 ASN N CG   1 
ATOM   76  O OD1  . ASN A 1 9  ? 11.768  2.855   -4.689  1.00 31.01  ? 553 ASN N OD1  1 
ATOM   77  N ND2  . ASN A 1 9  ? 12.217  1.867   -6.636  1.00 30.54  ? 553 ASN N ND2  1 
ATOM   78  H H    . ASN A 1 9  ? 10.446  5.634   -8.328  1.00 21.82  ? 553 ASN N H    1 
ATOM   79  H HD21 . ASN A 1 9  ? 12.459  1.137   -6.249  1.00 36.65  ? 553 ASN N HD21 1 
ATOM   80  H HD22 . ASN A 1 9  ? 12.220  1.921   -7.494  1.00 36.65  ? 553 ASN N HD22 1 
ATOM   81  N N    . ASN A 1 10 ? 8.724   5.292   -5.657  1.00 20.00  ? 554 ASN N N    1 
ATOM   82  C CA   . ASN A 1 10 ? 7.756   5.460   -4.582  1.00 18.82  ? 554 ASN N CA   1 
ATOM   83  C C    . ASN A 1 10 ? 6.398   4.895   -4.971  1.00 18.97  ? 554 ASN N C    1 
ATOM   84  O O    . ASN A 1 10 ? 5.767   4.181   -4.193  1.00 19.88  ? 554 ASN N O    1 
ATOM   85  C CB   . ASN A 1 10 ? 7.588   6.937   -4.255  1.00 18.90  ? 554 ASN N CB   1 
ATOM   86  C CG   . ASN A 1 10 ? 8.774   7.533   -3.537  1.00 25.60  ? 554 ASN N CG   1 
ATOM   87  O OD1  . ASN A 1 10 ? 9.600   6.837   -2.954  1.00 19.55  ? 554 ASN N OD1  1 
ATOM   88  N ND2  . ASN A 1 10 ? 8.846   8.852   -3.564  1.00 23.53  ? 554 ASN N ND2  1 
ATOM   89  H H    . ASN A 1 10 ? 9.083   6.026   -5.927  1.00 23.99  ? 554 ASN N H    1 
ATOM   90  H HD21 . ASN A 1 10 ? 9.497   9.256   -3.173  1.00 28.24  ? 554 ASN N HD21 1 
ATOM   91  H HD22 . ASN A 1 10 ? 8.240   9.308   -3.971  1.00 28.24  ? 554 ASN N HD22 1 
ATOM   92  N N    . LEU A 1 11 ? 5.906   5.242   -6.164  1.00 16.56  ? 555 LEU N N    1 
ATOM   93  C CA   . LEU A 1 11 ? 4.565   4.808   -6.548  1.00 17.31  ? 555 LEU N CA   1 
ATOM   94  C C    . LEU A 1 11 ? 4.532   3.312   -6.817  1.00 17.31  ? 555 LEU N C    1 
ATOM   95  O O    . LEU A 1 11 ? 3.551   2.646   -6.500  1.00 18.65  ? 555 LEU N O    1 
ATOM   96  C CB   . LEU A 1 11 ? 4.088   5.595   -7.779  1.00 18.33  ? 555 LEU N CB   1 
ATOM   97  C CG   . LEU A 1 11 ? 3.993   7.117   -7.637  1.00 18.61  ? 555 LEU N CG   1 
ATOM   98  C CD1  . LEU A 1 11 ? 3.592   7.740   -8.959  1.00 22.59  ? 555 LEU N CD1  1 
ATOM   99  C CD2  . LEU A 1 11 ? 3.112   7.575   -6.464  1.00 21.96  ? 555 LEU N CD2  1 
ATOM   100 H H    . LEU A 1 11 ? 6.317   5.714   -6.754  1.00 19.88  ? 555 LEU N H    1 
ATOM   101 N N    . LEU A 1 12 ? 5.603   2.767   -7.408  1.00 17.43  ? 556 LEU N N    1 
ATOM   102 C CA   . LEU A 1 12 ? 5.684   1.325   -7.600  1.00 18.10  ? 556 LEU N CA   1 
ATOM   103 C C    . LEU A 1 12 ? 5.622   0.594   -6.265  1.00 19.54  ? 556 LEU N C    1 
ATOM   104 O O    . LEU A 1 12 ? 4.951   -0.432  -6.140  1.00 18.99  ? 556 LEU N O    1 
ATOM   105 C CB   . LEU A 1 12 ? 6.978   0.957   -8.337  1.00 18.67  ? 556 LEU N CB   1 
ATOM   106 C CG   . LEU A 1 12 ? 7.237   -0.548  -8.563  1.00 18.77  ? 556 LEU N CG   1 
ATOM   107 C CD1  . LEU A 1 12 ? 6.069   -1.310  -9.209  1.00 20.28  ? 556 LEU N CD1  1 
ATOM   108 C CD2  . LEU A 1 12 ? 8.539   -0.743  -9.366  1.00 20.04  ? 556 LEU N CD2  1 
ATOM   109 H H    . LEU A 1 12 ? 6.283   3.207   -7.700  1.00 20.91  ? 556 LEU N H    1 
ATOM   110 N N    . ARG A 1 13 ? 6.345   1.091   -5.260  1.00 17.82  ? 557 ARG N N    1 
ATOM   111 C CA   . ARG A 1 13 ? 6.334   0.425   -3.957  1.00 17.75  ? 557 ARG N CA   1 
ATOM   112 C C    . ARG A 1 13 ? 4.944   0.483   -3.316  1.00 18.39  ? 557 ARG N C    1 
ATOM   113 O O    . ARG A 1 13 ? 4.487   -0.486  -2.692  1.00 17.86  ? 557 ARG N O    1 
ATOM   114 C CB   . ARG A 1 13 ? 7.412   1.025   -3.055  1.00 22.29  ? 557 ARG N CB   1 
ATOM   115 C CG   . ARG A 1 13 ? 8.803   0.473   -3.343  1.00 31.16  ? 557 ARG N CG   1 
ATOM   116 C CD   . ARG A 1 13 ? 9.837   0.908   -2.300  1.00 41.52  ? 557 ARG N CD   1 
ATOM   117 N NE   . ARG A 1 13 ? 9.643   0.314   -0.976  1.00 33.12  ? 557 ARG N NE   1 
ATOM   118 C CZ   . ARG A 1 13 ? 9.982   -0.935  -0.641  1.00 41.16  ? 557 ARG N CZ   1 
ATOM   119 N NH1  . ARG A 1 13 ? 10.518  -1.765  -1.530  1.00 41.24  ? 557 ARG N NH1  1 
ATOM   120 N NH2  . ARG A 1 13 ? 9.781   -1.368  0.594   1.00 41.01  ? 557 ARG N NH2  1 
ATOM   121 H H    . ARG A 1 13 ? 6.838   1.794   -5.303  1.00 21.38  ? 557 ARG N H    1 
ATOM   122 H HE   . ARG A 1 13 ? 9.284   0.806   -0.367  1.00 39.74  ? 557 ARG N HE   1 
ATOM   123 H HH11 . ARG A 1 13 ? 10.660  -1.499  -2.335  1.00 49.49  ? 557 ARG N HH11 1 
ATOM   124 H HH12 . ARG A 1 13 ? 10.727  -2.566  -1.299  1.00 49.49  ? 557 ARG N HH12 1 
ATOM   125 H HH21 . ARG A 1 13 ? 9.430   -0.846  1.181   1.00 49.21  ? 557 ARG N HH21 1 
ATOM   126 H HH22 . ARG A 1 13 ? 9.990   -2.175  0.806   1.00 49.21  ? 557 ARG N HH22 1 
ATOM   127 N N    . ALA A 1 14 ? 4.264   1.614   -3.470  1.00 18.62  ? 558 ALA N N    1 
ATOM   128 C CA   . ALA A 1 14 ? 2.886   1.738   -3.016  1.00 17.48  ? 558 ALA N CA   1 
ATOM   129 C C    . ALA A 1 14 ? 1.971   0.718   -3.705  1.00 19.32  ? 558 ALA N C    1 
ATOM   130 O O    . ALA A 1 14 ? 1.156   0.057   -3.049  1.00 19.21  ? 558 ALA N O    1 
ATOM   131 C CB   . ALA A 1 14 ? 2.431   3.174   -3.266  1.00 18.99  ? 558 ALA N CB   1 
ATOM   132 H H    . ALA A 1 14 ? 4.579   2.325   -3.835  1.00 22.34  ? 558 ALA N H    1 
ATOM   133 N N    . ILE A 1 15 ? 2.091   0.594   -5.037  1.00 18.04  ? 559 ILE N N    1 
ATOM   134 C CA   . ILE A 1 15 ? 1.294   -0.362  -5.814  1.00 22.86  ? 559 ILE N CA   1 
ATOM   135 C C    . ILE A 1 15 ? 1.565   -1.793  -5.362  1.00 17.36  ? 559 ILE N C    1 
ATOM   136 O O    . ILE A 1 15 ? 0.649   -2.602  -5.251  1.00 19.08  ? 559 ILE N O    1 
ATOM   137 C CB   . ILE A 1 15 ? 1.569   -0.174  -7.320  1.00 19.32  ? 559 ILE N CB   1 
ATOM   138 C CG1  . ILE A 1 15 ? 0.892   1.106   -7.838  1.00 18.60  ? 559 ILE N CG1  1 
ATOM   139 C CG2  . ILE A 1 15 ? 1.041   -1.361  -8.107  1.00 22.73  ? 559 ILE N CG2  1 
ATOM   140 C CD1  . ILE A 1 15 ? 1.379   1.556   -9.194  1.00 21.67  ? 559 ILE N CD1  1 
ATOM   141 H H    . ILE A 1 15 ? 2.633   1.059   -5.516  1.00 21.65  ? 559 ILE N H    1 
ATOM   142 N N    . GLU A 1 16 ? 2.831   -2.119  -5.085  1.00 17.27  ? 560 GLU N N    1 
ATOM   143 C CA   . GLU A 1 16 ? 3.195   -3.445  -4.584  1.00 22.22  ? 560 GLU N CA   1 
ATOM   144 C C    . GLU A 1 16 ? 2.559   -3.731  -3.229  1.00 18.28  ? 560 GLU N C    1 
ATOM   145 O O    . GLU A 1 16 ? 2.029   -4.823  -3.007  1.00 21.74  ? 560 GLU N O    1 
ATOM   146 C CB   . GLU A 1 16 ? 4.722   -3.555  -4.482  1.00 19.30  ? 560 GLU N CB   1 
ATOM   147 C CG   . GLU A 1 16 ? 5.432   -3.729  -5.825  1.00 20.77  ? 560 GLU N CG   1 
ATOM   148 C CD   . GLU A 1 16 ? 6.930   -3.476  -5.755  1.00 31.37  ? 560 GLU N CD   1 
ATOM   149 O OE1  . GLU A 1 16 ? 7.409   -2.923  -4.743  1.00 31.66  ? 560 GLU N OE1  1 
ATOM   150 O OE2  . GLU A 1 16 ? 7.626   -3.812  -6.737  1.00 32.44  ? 560 GLU N OE2  1 
ATOM   151 H H    . GLU A 1 16 ? 3.501   -1.588  -5.181  1.00 20.73  ? 560 GLU N H    1 
ATOM   152 N N    . ALA A 1 17 ? 2.623   -2.772  -2.301  1.00 19.23  ? 561 ALA N N    1 
ATOM   153 C CA   . ALA A 1 17 ? 2.026   -2.974  -0.981  1.00 18.39  ? 561 ALA N CA   1 
ATOM   154 C C    . ALA A 1 17 ? 0.510   -3.074  -1.063  1.00 18.63  ? 561 ALA N C    1 
ATOM   155 O O    . ALA A 1 17 ? -0.105  -3.876  -0.355  1.00 19.11  ? 561 ALA N O    1 
ATOM   156 C CB   . ALA A 1 17 ? 2.428   -1.827  -0.056  1.00 22.25  ? 561 ALA N CB   1 
ATOM   157 H H    . ALA A 1 17 ? 3.000   -2.007  -2.410  1.00 23.08  ? 561 ALA N H    1 
ATOM   158 N N    . GLN A 1 18 ? -0.112  -2.259  -1.918  1.00 17.21  ? 562 GLN N N    1 
ATOM   159 C CA   . GLN A 1 18 ? -1.547  -2.386  -2.138  1.00 17.45  ? 562 GLN N CA   1 
ATOM   160 C C    . GLN A 1 18 ? -1.912  -3.763  -2.676  1.00 16.49  ? 562 GLN N C    1 
ATOM   161 O O    . GLN A 1 18 ? -2.930  -4.330  -2.290  1.00 19.30  ? 562 GLN N O    1 
ATOM   162 C CB   . GLN A 1 18 ? -2.013  -1.294  -3.089  1.00 20.07  ? 562 GLN N CB   1 
ATOM   163 C CG   . GLN A 1 18 ? -2.054  0.063   -2.426  1.00 28.30  ? 562 GLN N CG   1 
ATOM   164 C CD   . GLN A 1 18 ? -2.622  1.126   -3.328  1.00 26.88  ? 562 GLN N CD   1 
ATOM   165 O OE1  . GLN A 1 18 ? -2.314  1.182   -4.513  1.00 28.13  ? 562 GLN N OE1  1 
ATOM   166 N NE2  . GLN A 1 18 ? -3.474  1.969   -2.775  1.00 29.31  ? 562 GLN N NE2  1 
ATOM   167 H H    . GLN A 1 18 ? 0.269   -1.636  -2.373  1.00 20.65  ? 562 GLN N H    1 
ATOM   168 H HE21 . GLN A 1 18 ? -3.676  1.893   -1.943  1.00 35.17  ? 562 GLN N HE21 1 
ATOM   169 H HE22 . GLN A 1 18 ? -3.827  2.594   -3.248  1.00 35.17  ? 562 GLN N HE22 1 
ATOM   170 N N    . GLN A 1 19 ? -1.092  -4.312  -3.578  1.00 16.74  ? 563 GLN N N    1 
ATOM   171 C CA   . GLN A 1 19 ? -1.348  -5.658  -4.081  1.00 18.49  ? 563 GLN N CA   1 
ATOM   172 C C    . GLN A 1 19 ? -1.321  -6.697  -2.966  1.00 19.30  ? 563 GLN N C    1 
ATOM   173 O O    . GLN A 1 19 ? -2.145  -7.619  -2.955  1.00 18.95  ? 563 GLN N O    1 
ATOM   174 C CB   . GLN A 1 19 ? -0.358  -6.016  -5.183  1.00 19.44  ? 563 GLN N CB   1 
ATOM   175 C CG   . GLN A 1 19 ? -0.631  -7.376  -5.798  1.00 21.48  ? 563 GLN N CG   1 
ATOM   176 C CD   . GLN A 1 19 ? -1.993  -7.487  -6.430  1.00 28.13  ? 563 GLN N CD   1 
ATOM   177 O OE1  . GLN A 1 19 ? -2.683  -6.490  -6.658  1.00 27.62  ? 563 GLN N OE1  1 
ATOM   178 N NE2  . GLN A 1 19 ? -2.385  -8.709  -6.738  1.00 27.40  ? 563 GLN N NE2  1 
ATOM   179 H H    . GLN A 1 19 ? -0.395  -3.932  -3.908  1.00 20.09  ? 563 GLN N H    1 
ATOM   180 H HE21 . GLN A 1 19 ? -1.870  -9.379  -6.574  1.00 32.88  ? 563 GLN N HE21 1 
ATOM   181 H HE22 . GLN A 1 19 ? -3.153  -8.836  -7.101  1.00 32.88  ? 563 GLN N HE22 1 
ATOM   182 N N    . HIS A 1 20 ? -0.393  -6.563  -2.014  1.00 19.53  ? 564 HIS N N    1 
ATOM   183 C CA   . HIS A 1 20 ? -0.361  -7.505  -0.901  1.00 20.51  ? 564 HIS N CA   1 
ATOM   184 C C    . HIS A 1 20 ? -1.610  -7.368  -0.042  1.00 20.91  ? 564 HIS N C    1 
ATOM   185 O O    . HIS A 1 20 ? -2.176  -8.370  0.403   1.00 23.22  ? 564 HIS N O    1 
ATOM   186 C CB   . HIS A 1 20 ? 0.904   -7.295  -0.068  1.00 23.90  ? 564 HIS N CB   1 
ATOM   187 C CG   . HIS A 1 20 ? 2.151   -7.743  -0.760  1.00 34.37  ? 564 HIS N CG   1 
ATOM   188 N ND1  . HIS A 1 20 ? 3.413   -7.418  -0.314  1.00 43.77  ? 564 HIS N ND1  1 
ATOM   189 C CD2  . HIS A 1 20 ? 2.328   -8.484  -1.879  1.00 44.67  ? 564 HIS N CD2  1 
ATOM   190 C CE1  . HIS A 1 20 ? 4.314   -7.941  -1.127  1.00 44.79  ? 564 HIS N CE1  1 
ATOM   191 N NE2  . HIS A 1 20 ? 3.681   -8.590  -2.088  1.00 51.77  ? 564 HIS N NE2  1 
ATOM   192 H H    . HIS A 1 20 ? 0.212   -5.953  -1.993  1.00 23.44  ? 564 HIS N H    1 
ATOM   193 H HD1  . HIS A 1 20 ? 3.588   -6.948  0.384   1.00 52.53  ? 564 HIS N HD1  1 
ATOM   194 H HE2  . HIS A 1 20 ? 4.056   -9.017  -2.733  1.00 62.12  ? 564 HIS N HE2  1 
ATOM   195 N N    . LEU A 1 21 ? -2.079  -6.135  0.176   1.00 20.88  ? 565 LEU N N    1 
ATOM   196 C CA   . LEU A 1 21 ? -3.323  -5.957  0.915   1.00 18.82  ? 565 LEU N CA   1 
ATOM   197 C C    . LEU A 1 21 ? -4.518  -6.544  0.146   1.00 21.53  ? 565 LEU N C    1 
ATOM   198 O O    . LEU A 1 21 ? -5.394  -7.195  0.728   1.00 19.61  ? 565 LEU N O    1 
ATOM   199 C CB   . LEU A 1 21 ? -3.513  -4.471  1.233   1.00 18.76  ? 565 LEU N CB   1 
ATOM   200 C CG   . LEU A 1 21 ? -4.676  -4.164  2.173   1.00 24.24  ? 565 LEU N CG   1 
ATOM   201 C CD1  . LEU A 1 21 ? -4.807  -5.174  3.311   1.00 21.47  ? 565 LEU N CD1  1 
ATOM   202 C CD2  . LEU A 1 21 ? -4.534  -2.755  2.717   1.00 29.22  ? 565 LEU N CD2  1 
ATOM   203 H H    . LEU A 1 21 ? -1.704  -5.408  -0.087  1.00 25.05  ? 565 LEU N H    1 
ATOM   204 N N    . LEU A 1 22 ? -4.529  -6.347  -1.169  1.00 18.98  ? 566 LEU N N    1 
ATOM   205 C CA   . LEU A 1 22 ? -5.614  -6.860  -2.000  1.00 22.86  ? 566 LEU N CA   1 
ATOM   206 C C    . LEU A 1 22 ? -5.687  -8.383  -1.927  1.00 18.69  ? 566 LEU N C    1 
ATOM   207 O O    . LEU A 1 22 ? -6.775  -8.951  -1.832  1.00 23.79  ? 566 LEU N O    1 
ATOM   208 C CB   . LEU A 1 22 ? -5.436  -6.410  -3.451  1.00 21.72  ? 566 LEU N CB   1 
ATOM   209 C CG   . LEU A 1 22 ? -6.477  -5.427  -3.990  1.00 30.81  ? 566 LEU N CG   1 
ATOM   210 C CD1  . LEU A 1 22 ? -6.191  -5.082  -5.443  1.00 27.60  ? 566 LEU N CD1  1 
ATOM   211 C CD2  . LEU A 1 22 ? -7.880  -5.993  -3.836  1.00 26.88  ? 566 LEU N CD2  1 
ATOM   212 H H    . LEU A 1 22 ? -3.922  -5.920  -1.604  1.00 22.78  ? 566 LEU N H    1 
ATOM   213 N N    . GLN A 1 23 ? -4.533  -9.041  -1.962  1.00 19.35  ? 567 GLN N N    1 
ATOM   214 C CA   . GLN A 1 23 ? -4.492  -10.493 -1.868  1.00 24.11  ? 567 GLN N CA   1 
ATOM   215 C C    . GLN A 1 23 ? -4.957  -10.978 -0.501  1.00 21.12  ? 567 GLN N C    1 
ATOM   216 O O    . GLN A 1 23 ? -5.554  -12.058 -0.400  1.00 19.72  ? 567 GLN N O    1 
ATOM   217 C CB   . GLN A 1 23 ? -3.107  -11.011 -2.257  1.00 25.28  ? 567 GLN N CB   1 
ATOM   218 C CG   . GLN A 1 23 ? -2.907  -10.986 -3.785  1.00 26.71  ? 567 GLN N CG   1 
ATOM   219 C CD   . GLN A 1 23 ? -1.538  -11.465 -4.267  1.00 41.15  ? 567 GLN N CD   1 
ATOM   220 O OE1  . GLN A 1 23 ? -0.997  -10.952 -5.262  1.00 34.19  ? 567 GLN N OE1  1 
ATOM   221 N NE2  . GLN A 1 23 ? -0.983  -12.461 -3.584  1.00 46.88  ? 567 GLN N NE2  1 
ATOM   222 H H    . GLN A 1 23 ? -3.764  -8.669  -2.062  1.00 23.23  ? 567 GLN N H    1 
ATOM   223 H HE21 . GLN A 1 23 ? -1.394  -12.802 -2.911  1.00 56.25  ? 567 GLN N HE21 1 
ATOM   224 H HE22 . GLN A 1 23 ? -0.212  -12.765 -3.816  1.00 56.25  ? 567 GLN N HE22 1 
ATOM   225 N N    . LEU A 1 24 ? -4.716  -10.193 0.552   1.00 20.38  ? 568 LEU N N    1 
ATOM   226 C CA   . LEU A 1 24 ? -5.229  -10.543 1.870   1.00 16.74  ? 568 LEU N CA   1 
ATOM   227 C C    . LEU A 1 24 ? -6.748  -10.457 1.912   1.00 18.64  ? 568 LEU N C    1 
ATOM   228 O O    . LEU A 1 24 ? -7.403  -11.289 2.552   1.00 21.18  ? 568 LEU N O    1 
ATOM   229 C CB   . LEU A 1 24 ? -4.612  -9.631  2.934   1.00 24.21  ? 568 LEU N CB   1 
ATOM   230 C CG   . LEU A 1 24 ? -3.116  -9.736  3.256   1.00 24.26  ? 568 LEU N CG   1 
ATOM   231 C CD1  . LEU A 1 24 ? -2.657  -8.658  4.246   1.00 25.72  ? 568 LEU N CD1  1 
ATOM   232 C CD2  . LEU A 1 24 ? -2.789  -11.128 3.797   1.00 29.08  ? 568 LEU N CD2  1 
ATOM   233 H H    . LEU A 1 24 ? -4.263  -9.462  0.526   1.00 24.46  ? 568 LEU N H    1 
ATOM   234 N N    . THR A 1 25 ? -7.328  -9.444  1.259   1.00 19.35  ? 569 THR N N    1 
ATOM   235 C CA   . THR A 1 25 ? -8.784  -9.363  1.189   1.00 21.68  ? 569 THR N CA   1 
ATOM   236 C C    . THR A 1 25 ? -9.375  -10.498 0.359   1.00 21.97  ? 569 THR N C    1 
ATOM   237 O O    . THR A 1 25 ? -10.461 -10.998 0.672   1.00 21.20  ? 569 THR N O    1 
ATOM   238 C CB   . THR A 1 25 ? -9.251  -7.979  0.705   1.00 20.78  ? 569 THR N CB   1 
ATOM   239 O OG1  . THR A 1 25 ? -8.883  -7.768  -0.666  1.00 22.56  ? 569 THR N OG1  1 
ATOM   240 C CG2  . THR A 1 25 ? -8.673  -6.873  1.570   1.00 23.27  ? 569 THR N CG2  1 
ATOM   241 H H    . THR A 1 25 ? -6.911  -8.807  0.859   1.00 23.22  ? 569 THR N H    1 
ATOM   242 H HG1  . THR A 1 25 ? -8.049  -7.812  -0.750  1.00 27.07  ? 569 THR N HG1  1 
ATOM   243 N N    . VAL A 1 26 ? -8.692  -10.909 -0.711  1.00 23.14  ? 570 VAL N N    1 
ATOM   244 C CA   . VAL A 1 26 ? -9.154  -12.066 -1.479  1.00 21.46  ? 570 VAL N CA   1 
ATOM   245 C C    . VAL A 1 26 ? -9.185  -13.305 -0.598  1.00 21.82  ? 570 VAL N C    1 
ATOM   246 O O    . VAL A 1 26 ? -10.158 -14.073 -0.601  1.00 23.05  ? 570 VAL N O    1 
ATOM   247 C CB   . VAL A 1 26 ? -8.281  -12.269 -2.726  1.00 22.59  ? 570 VAL N CB   1 
ATOM   248 C CG1  . VAL A 1 26 ? -8.609  -13.603 -3.383  1.00 28.73  ? 570 VAL N CG1  1 
ATOM   249 C CG2  . VAL A 1 26 ? -8.514  -11.131 -3.698  1.00 26.37  ? 570 VAL N CG2  1 
ATOM   250 H H    . VAL A 1 26 ? -7.973  -10.544 -1.007  1.00 27.77  ? 570 VAL N H    1 
ATOM   251 N N    . TRP A 1 27 ? -8.117  -13.523 0.172   1.00 22.13  ? 571 TRP N N    1 
ATOM   252 C CA   . TRP A 1 27 ? -8.089  -14.635 1.111   1.00 23.56  ? 571 TRP N CA   1 
ATOM   253 C C    . TRP A 1 27 ? -9.301  -14.608 2.038   1.00 25.66  ? 571 TRP N C    1 
ATOM   254 O O    . TRP A 1 27 ? -9.988  -15.623 2.219   1.00 25.23  ? 571 TRP N O    1 
ATOM   255 C CB   . TRP A 1 27 ? -6.777  -14.603 1.913   1.00 25.72  ? 571 TRP N CB   1 
ATOM   256 C CG   . TRP A 1 27 ? -6.588  -15.827 2.817   1.00 25.33  ? 571 TRP N CG   1 
ATOM   257 C CD1  . TRP A 1 27 ? -5.966  -16.999 2.489   1.00 36.02  ? 571 TRP N CD1  1 
ATOM   258 C CD2  . TRP A 1 27 ? -7.023  -15.975 4.179   1.00 29.82  ? 571 TRP N CD2  1 
ATOM   259 N NE1  . TRP A 1 27 ? -5.994  -17.867 3.553   1.00 30.81  ? 571 TRP N NE1  1 
ATOM   260 C CE2  . TRP A 1 27 ? -6.637  -17.267 4.603   1.00 27.80  ? 571 TRP N CE2  1 
ATOM   261 C CE3  . TRP A 1 27 ? -7.708  -15.149 5.075   1.00 28.84  ? 571 TRP N CE3  1 
ATOM   262 C CZ2  . TRP A 1 27 ? -6.906  -17.748 5.891   1.00 30.93  ? 571 TRP N CZ2  1 
ATOM   263 C CZ3  . TRP A 1 27 ? -7.983  -15.634 6.353   1.00 31.00  ? 571 TRP N CZ3  1 
ATOM   264 C CH2  . TRP A 1 27 ? -7.581  -16.922 6.747   1.00 33.14  ? 571 TRP N CH2  1 
ATOM   265 H H    . TRP A 1 27 ? -7.403  -13.043 0.167   1.00 26.56  ? 571 TRP N H    1 
ATOM   266 H HE1  . TRP A 1 27 ? -5.658  -18.658 3.561   1.00 36.97  ? 571 TRP N HE1  1 
ATOM   267 N N    . GLY A 1 28 ? -9.581  -13.447 2.637   1.00 22.26  ? 572 GLY N N    1 
ATOM   268 C CA   . GLY A 1 28 ? -10.694 -13.353 3.571   1.00 22.17  ? 572 GLY N CA   1 
ATOM   269 C C    . GLY A 1 28 ? -12.036 -13.640 2.923   1.00 23.25  ? 572 GLY N C    1 
ATOM   270 O O    . GLY A 1 28 ? -12.911 -14.262 3.530   1.00 21.41  ? 572 GLY N O    1 
ATOM   271 H H    . GLY A 1 28 ? -9.146  -12.714 2.521   1.00 26.72  ? 572 GLY N H    1 
ATOM   272 N N    . ILE A 1 29 ? -12.227 -13.165 1.691   1.00 22.97  ? 573 ILE N N    1 
ATOM   273 C CA   . ILE A 1 29 ? -13.475 -13.414 0.977   1.00 19.35  ? 573 ILE N CA   1 
ATOM   274 C C    . ILE A 1 29 ? -13.666 -14.899 0.722   1.00 23.40  ? 573 ILE N C    1 
ATOM   275 O O    . ILE A 1 29 ? -14.760 -15.430 0.919   1.00 22.12  ? 573 ILE N O    1 
ATOM   276 C CB   . ILE A 1 29 ? -13.538 -12.584 -0.324  1.00 22.15  ? 573 ILE N CB   1 
ATOM   277 C CG1  . ILE A 1 29 ? -13.780 -11.118 0.013   1.00 21.66  ? 573 ILE N CG1  1 
ATOM   278 C CG2  . ILE A 1 29 ? -14.680 -13.063 -1.210  1.00 23.72  ? 573 ILE N CG2  1 
ATOM   279 C CD1  . ILE A 1 29 ? -13.492 -10.186 -1.143  1.00 20.39  ? 573 ILE N CD1  1 
ATOM   280 H H    . ILE A 1 29 ? -11.652 -12.700 1.251   1.00 27.57  ? 573 ILE N H    1 
ATOM   281 N N    . LYS A 1 30 ? -12.611 -15.589 0.283   1.00 22.31  ? 574 LYS N N    1 
ATOM   282 C CA   . LYS A 1 30 ? -12.725 -17.025 0.033   1.00 23.09  ? 574 LYS N CA   1 
ATOM   283 C C    . LYS A 1 30 ? -13.018 -17.791 1.320   1.00 22.99  ? 574 LYS N C    1 
ATOM   284 O O    . LYS A 1 30 ? -13.800 -18.751 1.315   1.00 24.50  ? 574 LYS N O    1 
ATOM   285 C CB   . LYS A 1 30 ? -11.454 -17.545 -0.636  1.00 28.56  ? 574 LYS N CB   1 
ATOM   286 C CG   . LYS A 1 30 ? -11.376 -17.198 -2.129  1.00 29.83  ? 574 LYS N CG   1 
ATOM   287 C CD   . LYS A 1 30 ? -10.364 -18.055 -2.878  1.00 38.73  ? 574 LYS N CD   1 
ATOM   288 C CE   . LYS A 1 30 ? -8.957  -17.545 -2.659  1.00 39.21  ? 574 LYS N CE   1 
ATOM   289 N NZ   . LYS A 1 30 ? -8.130  -17.648 -3.905  1.00 58.79  ? 574 LYS N NZ   1 
ATOM   290 H H    . LYS A 1 30 ? -11.834 -15.257 0.127   1.00 26.78  ? 574 LYS N H    1 
ATOM   291 H HZ1  . LYS A 1 30 ? -7.308  -17.343 -3.751  1.00 70.55  ? 574 LYS N HZ1  1 
ATOM   292 H HZ2  . LYS A 1 30 ? -8.079  -18.496 -4.167  1.00 70.55  ? 574 LYS N HZ2  1 
ATOM   293 H HZ3  . LYS A 1 30 ? -8.500  -17.166 -4.556  1.00 70.55  ? 574 LYS N HZ3  1 
ATOM   294 N N    . GLN A 1 31 ? -12.396 -17.377 2.428   1.00 21.92  ? 575 GLN N N    1 
ATOM   295 C CA   . GLN A 1 31 ? -12.632 -18.004 3.726   1.00 26.29  ? 575 GLN N CA   1 
ATOM   296 C C    . GLN A 1 31 ? -14.060 -17.774 4.212   1.00 24.48  ? 575 GLN N C    1 
ATOM   297 O O    . GLN A 1 31 ? -14.697 -18.685 4.741   1.00 23.91  ? 575 GLN N O    1 
ATOM   298 C CB   . GLN A 1 31 ? -11.609 -17.488 4.748   1.00 26.14  ? 575 GLN N CB   1 
ATOM   299 C CG   . GLN A 1 31 ? -10.199 -18.055 4.574   1.00 28.68  ? 575 GLN N CG   1 
ATOM   300 C CD   . GLN A 1 31 ? -10.194 -19.573 4.623   1.00 33.50  ? 575 GLN N CD   1 
ATOM   301 O OE1  . GLN A 1 31 ? -10.792 -20.185 5.511   1.00 49.54  ? 575 GLN N OE1  1 
ATOM   302 N NE2  . GLN A 1 31 ? -9.553  -20.186 3.647   1.00 43.96  ? 575 GLN N NE2  1 
ATOM   303 H H    . GLN A 1 31 ? -11.831 -16.730 2.451   1.00 26.31  ? 575 GLN N H    1 
ATOM   304 H HE21 . GLN A 1 31 ? -9.168  -19.727 3.030   1.00 52.75  ? 575 GLN N HE21 1 
ATOM   305 H HE22 . GLN A 1 31 ? -9.520  -21.045 3.627   1.00 52.75  ? 575 GLN N HE22 1 
ATOM   306 N N    . LEU A 1 32 ? -14.581 -16.562 4.039   1.00 22.45  ? 576 LEU N N    1 
ATOM   307 C CA   . LEU A 1 32 ? -15.966 -16.284 4.384   1.00 25.28  ? 576 LEU N CA   1 
ATOM   308 C C    . LEU A 1 32 ? -16.913 -17.114 3.537   1.00 27.93  ? 576 LEU N C    1 
ATOM   309 O O    . LEU A 1 32 ? -17.876 -17.699 4.046   1.00 25.56  ? 576 LEU N O    1 
ATOM   310 C CB   . LEU A 1 32 ? -16.235 -14.796 4.166   1.00 21.37  ? 576 LEU N CB   1 
ATOM   311 C CG   . LEU A 1 32 ? -15.557 -13.892 5.190   1.00 24.10  ? 576 LEU N CG   1 
ATOM   312 C CD1  . LEU A 1 32 ? -15.730 -12.446 4.810   1.00 23.60  ? 576 LEU N CD1  1 
ATOM   313 C CD2  . LEU A 1 32 ? -16.124 -14.137 6.564   1.00 26.69  ? 576 LEU N CD2  1 
ATOM   314 H H    . LEU A 1 32 ? -14.152 -15.886 3.724   1.00 26.93  ? 576 LEU N H    1 
ATOM   315 N N    . GLN A 1 33 ? -16.666 -17.166 2.227   1.00 23.54  ? 577 GLN N N    1 
ATOM   316 C CA   . GLN A 1 33 ? -17.528 -17.968 1.372   1.00 22.69  ? 577 GLN N CA   1 
ATOM   317 C C    . GLN A 1 33 ? -17.542 -19.425 1.820   1.00 27.00  ? 577 GLN N C    1 
ATOM   318 O O    . GLN A 1 33 ? -18.596 -20.068 1.819   1.00 26.74  ? 577 GLN N O    1 
ATOM   319 C CB   . GLN A 1 33 ? -17.077 -17.866 -0.078  1.00 20.89  ? 577 GLN N CB   1 
ATOM   320 C CG   . GLN A 1 33 ? -18.061 -18.494 -1.060  1.00 29.94  ? 577 GLN N CG   1 
ATOM   321 C CD   . GLN A 1 33 ? -17.761 -19.954 -1.409  1.00 34.09  ? 577 GLN N CD   1 
ATOM   322 O OE1  . GLN A 1 33 ? -16.845 -20.568 -0.870  1.00 31.81  ? 577 GLN N OE1  1 
ATOM   323 N NE2  . GLN A 1 33 ? -18.534 -20.504 -2.340  1.00 44.40  ? 577 GLN N NE2  1 
ATOM   324 H H    . GLN A 1 33 ? -16.025 -16.758 1.824   1.00 28.25  ? 577 GLN N H    1 
ATOM   325 H HE21 . GLN A 1 33 ? -19.159 -20.041 -2.709  1.00 53.27  ? 577 GLN N HE21 1 
ATOM   326 H HE22 . GLN A 1 33 ? -18.409 -21.322 -2.575  1.00 53.27  ? 577 GLN N HE22 1 
ATOM   327 N N    . ALA A 1 34 ? -16.379 -19.963 2.200   1.00 24.05  ? 578 ALA N N    1 
ATOM   328 C CA   . ALA A 1 34 ? -16.302 -21.362 2.598   1.00 24.83  ? 578 ALA N CA   1 
ATOM   329 C C    . ALA A 1 34 ? -17.141 -21.624 3.837   1.00 27.40  ? 578 ALA N C    1 
ATOM   330 O O    . ALA A 1 34 ? -17.815 -22.658 3.935   1.00 37.99  ? 578 ALA N O    1 
ATOM   331 C CB   . ALA A 1 34 ? -14.846 -21.757 2.835   1.00 24.51  ? 578 ALA N CB   1 
ATOM   332 H H    . ALA A 1 34 ? -15.630 -19.541 2.234   1.00 28.86  ? 578 ALA N H    1 
ATOM   333 N N    . ARG A 1 35 ? -17.128 -20.699 4.791   1.00 27.29  ? 579 ARG N N    1 
ATOM   334 C CA   . ARG A 1 35 ? -17.897 -20.888 6.012   1.00 31.20  ? 579 ARG N CA   1 
ATOM   335 C C    . ARG A 1 35 ? -19.393 -20.679 5.813   1.00 34.77  ? 579 ARG N C    1 
ATOM   336 O O    . ARG A 1 35 ? -20.192 -21.273 6.538   1.00 47.47  ? 579 ARG N O    1 
ATOM   337 C CB   . ARG A 1 35 ? -17.317 -20.027 7.135   1.00 37.04  ? 579 ARG N CB   1 
ATOM   338 C CG   . ARG A 1 35 ? -15.980 -20.584 7.607   1.00 59.20  ? 579 ARG N CG   1 
ATOM   339 C CD   . ARG A 1 35 ? -15.138 -19.587 8.387   1.00 65.38  ? 579 ARG N CD   1 
ATOM   340 N NE   . ARG A 1 35 ? -13.747 -20.037 8.498   1.00 65.45  ? 579 ARG N NE   1 
ATOM   341 C CZ   . ARG A 1 35 ? -13.319 -20.981 9.338   1.00 76.04  ? 579 ARG N CZ   1 
ATOM   342 N NH1  . ARG A 1 35 ? -14.174 -21.591 10.156  1.00 83.44  ? 579 ARG N NH1  1 
ATOM   343 N NH2  . ARG A 1 35 ? -12.033 -21.320 9.364   1.00 67.17  ? 579 ARG N NH2  1 
ATOM   344 H H    . ARG A 1 35 ? -16.688 -19.961 4.755   1.00 32.75  ? 579 ARG N H    1 
ATOM   345 H HE   . ARG A 1 35 ? -13.165 -19.666 7.985   1.00 78.54  ? 579 ARG N HE   1 
ATOM   346 H HH11 . ARG A 1 35 ? -15.007 -21.377 10.146  1.00 100.13 ? 579 ARG N HH11 1 
ATOM   347 H HH12 . ARG A 1 35 ? -13.893 -22.199 10.697  1.00 100.13 ? 579 ARG N HH12 1 
ATOM   348 H HH21 . ARG A 1 35 ? -11.475 -20.929 8.838   1.00 80.60  ? 579 ARG N HH21 1 
ATOM   349 H HH22 . ARG A 1 35 ? -11.759 -21.928 9.906   1.00 80.60  ? 579 ARG N HH22 1 
ATOM   350 N N    . ILE A 1 36 ? -19.794 -19.878 4.828   1.00 30.58  ? 580 ILE N N    1 
ATOM   351 C CA   . ILE A 1 36 ? -21.210 -19.595 4.611   1.00 35.72  ? 580 ILE N CA   1 
ATOM   352 C C    . ILE A 1 36 ? -21.918 -20.706 3.840   1.00 43.55  ? 580 ILE N C    1 
ATOM   353 O O    . ILE A 1 36 ? -23.106 -20.956 4.066   1.00 48.27  ? 580 ILE N O    1 
ATOM   354 C CB   . ILE A 1 36 ? -21.366 -18.229 3.924   1.00 36.48  ? 580 ILE N CB   1 
ATOM   355 C CG1  . ILE A 1 36 ? -20.897 -17.139 4.875   1.00 43.91  ? 580 ILE N CG1  1 
ATOM   356 C CG2  . ILE A 1 36 ? -22.801 -17.993 3.494   1.00 49.15  ? 580 ILE N CG2  1 
ATOM   357 C CD1  . ILE A 1 36 ? -20.762 -15.785 4.191   1.00 52.93  ? 580 ILE N CD1  1 
ATOM   358 H H    . ILE A 1 36 ? -19.267 -19.488 4.271   1.00 36.70  ? 580 ILE N H    1 
ATOM   359 N N    . LEU A 1 37 ? -21.229 -21.372 2.920   1.00 45.89  ? 581 LEU N N    1 
ATOM   360 C CA   . LEU A 1 37 ? -21.858 -22.388 2.085   1.00 51.28  ? 581 LEU N CA   1 
ATOM   361 C C    . LEU A 1 37 ? -21.812 -23.762 2.734   1.00 52.19  ? 581 LEU N C    1 
ATOM   362 O O    . LEU A 1 37 ? -20.941 -24.032 3.558   1.00 52.38  ? 581 LEU N O    1 
ATOM   363 C CB   . LEU A 1 37 ? -21.201 -22.430 0.703   1.00 53.64  ? 581 LEU N CB   1 
ATOM   364 C CG   . LEU A 1 37 ? -21.514 -21.242 -0.210  1.00 53.83  ? 581 LEU N CG   1 
ATOM   365 C CD1  . LEU A 1 37 ? -20.725 -20.020 0.226   1.00 52.62  ? 581 LEU N CD1  1 
ATOM   366 C CD2  . LEU A 1 37 ? -21.251 -21.580 -1.673  1.00 46.25  ? 581 LEU N CD2  1 
ATOM   367 H H    . LEU A 1 37 ? -20.392 -21.254 2.760   1.00 55.06  ? 581 LEU N H    1 
HETATM 368 C C    . ACE B 2 1  ? -6.884  -16.137 10.937  0.00 25.93  ? 627 ACE C C    1 
HETATM 369 O O    . ACE B 2 1  ? -6.129  -15.288 10.466  0.00 26.34  ? 627 ACE C O    1 
HETATM 370 C CH3  . ACE B 2 1  ? -6.484  -17.578 11.071  0.00 28.13  ? 627 ACE C CH3  1 
ATOM   371 N N    . TRP B 2 2  ? -8.108  -15.842 11.360  1.00 21.98  ? 628 TRP C N    1 
ATOM   372 C CA   . TRP B 2 2  ? -8.630  -14.482 11.288  1.00 23.52  ? 628 TRP C CA   1 
ATOM   373 C C    . TRP B 2 2  ? -7.883  -13.465 12.144  1.00 26.24  ? 628 TRP C C    1 
ATOM   374 O O    . TRP B 2 2  ? -7.739  -12.317 11.749  1.00 23.05  ? 628 TRP C O    1 
ATOM   375 C CB   . TRP B 2 2  ? -10.114 -14.439 11.673  1.00 23.90  ? 628 TRP C CB   1 
ATOM   376 C CG   . TRP B 2 2  ? -11.003 -15.127 10.703  1.00 24.17  ? 628 TRP C CG   1 
ATOM   377 C CD1  . TRP B 2 2  ? -11.591 -16.338 10.857  1.00 32.37  ? 628 TRP C CD1  1 
ATOM   378 C CD2  . TRP B 2 2  ? -11.390 -14.653 9.410   1.00 29.01  ? 628 TRP C CD2  1 
ATOM   379 N NE1  . TRP B 2 2  ? -12.331 -16.651 9.747   1.00 34.99  ? 628 TRP C NE1  1 
ATOM   380 C CE2  . TRP B 2 2  ? -12.224 -15.632 8.841   1.00 29.54  ? 628 TRP C CE2  1 
ATOM   381 C CE3  . TRP B 2 2  ? -11.121 -13.491 8.684   1.00 25.08  ? 628 TRP C CE3  1 
ATOM   382 C CZ2  . TRP B 2 2  ? -12.783 -15.492 7.575   1.00 33.54  ? 628 TRP C CZ2  1 
ATOM   383 C CZ3  . TRP B 2 2  ? -11.681 -13.351 7.434   1.00 30.70  ? 628 TRP C CZ3  1 
ATOM   384 C CH2  . TRP B 2 2  ? -12.502 -14.346 6.891   1.00 30.18  ? 628 TRP C CH2  1 
ATOM   385 H H    . TRP B 2 2  ? -8.659  -16.413 11.694  1.00 26.38  ? 628 TRP C H    1 
ATOM   386 H HE1  . TRP B 2 2  ? -12.785 -17.372 9.635   1.00 41.99  ? 628 TRP C HE1  1 
ATOM   387 N N    . ALA B 2 3  ? -7.457  -13.860 13.340  1.00 24.53  ? 629 ALA C N    1 
ATOM   388 C CA   . ALA B 2 3  ? -6.649  -12.960 14.151  1.00 27.43  ? 629 ALA C CA   1 
ATOM   389 C C    . ALA B 2 3  ? -5.382  -12.549 13.402  1.00 24.65  ? 629 ALA C C    1 
ATOM   390 O O    . ALA B 2 3  ? -4.997  -11.372 13.393  1.00 26.59  ? 629 ALA C O    1 
ATOM   391 C CB   . ALA B 2 3  ? -6.317  -13.631 15.484  1.00 28.86  ? 629 ALA C CB   1 
ATOM   392 H H    . ALA B 2 3  ? -7.617  -14.626 13.697  1.00 29.43  ? 629 ALA C H    1 
ATOM   393 N N    . SER B 2 4  ? -4.717  -13.511 12.770  1.00 24.20  ? 630 SER C N    1 
ATOM   394 C CA   . SER B 2 4  ? -3.528  -13.188 11.989  1.00 22.70  ? 630 SER C CA   1 
ATOM   395 C C    . SER B 2 4  ? -3.884  -12.288 10.811  1.00 27.97  ? 630 SER C C    1 
ATOM   396 O O    . SER B 2 4  ? -3.118  -11.386 10.453  1.00 27.28  ? 630 SER C O    1 
ATOM   397 C CB   . SER B 2 4  ? -2.858  -14.478 11.514  1.00 27.59  ? 630 SER C CB   1 
ATOM   398 O OG   . SER B 2 4  ? -1.699  -14.214 10.750  1.00 36.80  ? 630 SER C OG   1 
ATOM   399 H H    . SER B 2 4  ? -4.928  -14.344 12.777  1.00 29.05  ? 630 SER C H    1 
ATOM   400 N N    . LEU B 2 5  ? -5.048  -12.513 10.198  1.00 24.41  ? 631 LEU C N    1 
ATOM   401 C CA   . LEU B 2 5  ? -5.482  -11.661 9.095   1.00 25.04  ? 631 LEU C CA   1 
ATOM   402 C C    . LEU B 2 5  ? -5.626  -10.204 9.533   1.00 22.84  ? 631 LEU C C    1 
ATOM   403 O O    . LEU B 2 5  ? -5.176  -9.294  8.824   1.00 21.93  ? 631 LEU C O    1 
ATOM   404 C CB   . LEU B 2 5  ? -6.771  -12.199 8.460   1.00 22.32  ? 631 LEU C CB   1 
ATOM   405 C CG   . LEU B 2 5  ? -7.226  -11.431 7.211   1.00 21.92  ? 631 LEU C CG   1 
ATOM   406 C CD1  . LEU B 2 5  ? -6.206  -11.573 6.133   1.00 24.33  ? 631 LEU C CD1  1 
ATOM   407 C CD2  . LEU B 2 5  ? -8.606  -11.880 6.733   1.00 23.65  ? 631 LEU C CD2  1 
ATOM   408 H H    . LEU B 2 5  ? -5.597  -13.144 10.400  1.00 29.29  ? 631 LEU C H    1 
ATOM   409 N N    . TRP B 2 6  ? -6.254  -9.953  10.689  1.00 22.32  ? 632 TRP C N    1 
ATOM   410 C CA   . TRP B 2 6  ? -6.393  -8.570  11.146  1.00 23.18  ? 632 TRP C CA   1 
ATOM   411 C C    . TRP B 2 6  ? -5.026  -7.930  11.382  1.00 27.14  ? 632 TRP C C    1 
ATOM   412 O O    . TRP B 2 6  ? -4.832  -6.739  11.108  1.00 30.03  ? 632 TRP C O    1 
ATOM   413 C CB   . TRP B 2 6  ? -7.218  -8.482  12.435  1.00 25.15  ? 632 TRP C CB   1 
ATOM   414 C CG   . TRP B 2 6  ? -8.571  -9.145  12.465  1.00 30.76  ? 632 TRP C CG   1 
ATOM   415 C CD1  . TRP B 2 6  ? -9.225  -9.582  13.589  1.00 36.29  ? 632 TRP C CD1  1 
ATOM   416 C CD2  . TRP B 2 6  ? -9.443  -9.448  11.360  1.00 25.57  ? 632 TRP C CD2  1 
ATOM   417 N NE1  . TRP B 2 6  ? -10.436 -10.140 13.254  1.00 39.91  ? 632 TRP C NE1  1 
ATOM   418 C CE2  . TRP B 2 6  ? -10.594 -10.076 11.894  1.00 33.03  ? 632 TRP C CE2  1 
ATOM   419 C CE3  . TRP B 2 6  ? -9.361  -9.267  9.976   1.00 31.51  ? 632 TRP C CE3  1 
ATOM   420 C CZ2  . TRP B 2 6  ? -11.653 -10.511 11.091  1.00 31.31  ? 632 TRP C CZ2  1 
ATOM   421 C CZ3  . TRP B 2 6  ? -10.413 -9.706  9.184   1.00 29.05  ? 632 TRP C CZ3  1 
ATOM   422 C CH2  . TRP B 2 6  ? -11.539 -10.317 9.742   1.00 34.94  ? 632 TRP C CH2  1 
ATOM   423 H H    . TRP B 2 6  ? -6.596  -10.547 11.209  1.00 26.79  ? 632 TRP C H    1 
ATOM   424 N N    . ASN B 2 7  ? -4.073  -8.696  11.916  1.00 25.80  ? 633 ASN C N    1 
ATOM   425 C CA   . ASN B 2 7  ? -2.742  -8.156  12.167  1.00 25.45  ? 633 ASN C CA   1 
ATOM   426 C C    . ASN B 2 7  ? -2.031  -7.819  10.858  1.00 31.61  ? 633 ASN C C    1 
ATOM   427 O O    . ASN B 2 7  ? -1.356  -6.789  10.758  1.00 30.71  ? 633 ASN C O    1 
ATOM   428 C CB   . ASN B 2 7  ? -1.930  -9.157  12.995  1.00 28.30  ? 633 ASN C CB   1 
ATOM   429 C CG   . ASN B 2 7  ? -0.578  -8.607  13.427  1.00 35.45  ? 633 ASN C CG   1 
ATOM   430 O OD1  . ASN B 2 7  ? -0.484  -7.511  13.977  0.85 35.62  ? 633 ASN C OD1  1 
ATOM   431 N ND2  . ASN B 2 7  ? 0.477   -9.378  13.186  1.00 33.97  ? 633 ASN C ND2  1 
ATOM   432 H H    . ASN B 2 7  ? -4.173  -9.520  12.138  1.00 30.96  ? 633 ASN C H    1 
ATOM   433 N N    . TRP B 2 8  ? -2.176  -8.672  9.842   1.00 25.26  ? 634 TRP C N    1 
ATOM   434 C CA   . TRP B 2 8  ? -1.608  -8.377  8.535   1.00 20.15  ? 634 TRP C CA   1 
ATOM   435 C C    . TRP B 2 8  ? -2.299  -7.184  7.870   1.00 24.94  ? 634 TRP C C    1 
ATOM   436 O O    . TRP B 2 8  ? -1.631  -6.358  7.244   1.00 25.36  ? 634 TRP C O    1 
ATOM   437 C CB   . TRP B 2 8  ? -1.647  -9.618  7.651   1.00 26.96  ? 634 TRP C CB   1 
ATOM   438 C CG   . TRP B 2 8  ? -0.594  -10.645 7.969   1.00 32.38  ? 634 TRP C CG   1 
ATOM   439 C CD1  . TRP B 2 8  ? -0.715  -11.703 8.818   1.00 38.82  ? 634 TRP C CD1  1 
ATOM   440 C CD2  . TRP B 2 8  ? 0.728   -10.727 7.414   1.00 39.31  ? 634 TRP C CD2  1 
ATOM   441 N NE1  . TRP B 2 8  ? 0.450   -12.433 8.837   1.00 48.43  ? 634 TRP C NE1  1 
ATOM   442 C CE2  . TRP B 2 8  ? 1.352   -11.853 7.984   1.00 48.24  ? 634 TRP C CE2  1 
ATOM   443 C CE3  . TRP B 2 8  ? 1.448   -9.951  6.497   1.00 46.26  ? 634 TRP C CE3  1 
ATOM   444 C CZ2  . TRP B 2 8  ? 2.664   -12.225 7.667   1.00 49.08  ? 634 TRP C CZ2  1 
ATOM   445 C CZ3  . TRP B 2 8  ? 2.751   -10.325 6.180   1.00 44.59  ? 634 TRP C CZ3  1 
ATOM   446 C CH2  . TRP B 2 8  ? 3.343   -11.449 6.765   1.00 45.67  ? 634 TRP C CH2  1 
ATOM   447 H H    . TRP B 2 8  ? -2.596  -9.421  9.888   1.00 30.31  ? 634 TRP C H    1 
ATOM   448 N N    . PHE B 2 9  ? -3.634  -7.091  7.960   1.00 21.68  ? 635 PHE C N    1 
ATOM   449 C CA   . PHE B 2 9  ? -4.327  -5.900  7.470   1.00 22.46  ? 635 PHE C CA   1 
ATOM   450 C C    . PHE B 2 9  ? -3.739  -4.640  8.099   1.00 27.51  ? 635 PHE C C    1 
ATOM   451 O O    . PHE B 2 9  ? -3.550  -3.617  7.426   1.00 27.38  ? 635 PHE C O    1 
ATOM   452 C CB   . PHE B 2 9  ? -5.807  -5.944  7.856   1.00 21.95  ? 635 PHE C CB   1 
ATOM   453 C CG   . PHE B 2 9  ? -6.684  -6.817  6.986   1.00 23.24  ? 635 PHE C CG   1 
ATOM   454 C CD1  . PHE B 2 9  ? -6.269  -7.283  5.758   1.00 24.98  ? 635 PHE C CD1  1 
ATOM   455 C CD2  . PHE B 2 9  ? -7.966  -7.147  7.412   1.00 23.01  ? 635 PHE C CD2  1 
ATOM   456 C CE1  . PHE B 2 9  ? -7.109  -8.075  4.982   1.00 26.97  ? 635 PHE C CE1  1 
ATOM   457 C CE2  . PHE B 2 9  ? -8.794  -7.927  6.641   1.00 25.92  ? 635 PHE C CE2  1 
ATOM   458 C CZ   . PHE B 2 9  ? -8.365  -8.388  5.425   1.00 22.27  ? 635 PHE C CZ   1 
ATOM   459 H H    . PHE B 2 9  ? -4.149  -7.693  8.294   1.00 26.01  ? 635 PHE C H    1 
ATOM   460 N N    . ASN B 2 10 ? -3.470  -4.696  9.404   1.00 28.99  ? 636 ASN C N    1 
ATOM   461 C CA   . ASN B 2 10 ? -2.953  -3.541  10.125  1.00 29.35  ? 636 ASN C CA   1 
ATOM   462 C C    . ASN B 2 10 ? -1.546  -3.192  9.661   1.00 29.67  ? 636 ASN C C    1 
ATOM   463 O O    . ASN B 2 10 ? -1.241  -2.017  9.416   1.00 26.40  ? 636 ASN C O    1 
ATOM   464 C CB   . ASN B 2 10 ? -2.958  -3.831  11.624  1.00 29.29  ? 636 ASN C CB   1 
ATOM   465 C CG   . ASN B 2 10 ? -4.335  -3.765  12.219  1.00 37.45  ? 636 ASN C CG   1 
ATOM   466 O OD1  . ASN B 2 10 ? -5.253  -3.210  11.625  1.00 38.60  ? 636 ASN C OD1  1 
ATOM   467 N ND2  . ASN B 2 10 ? -4.489  -4.323  13.409  1.00 35.83  ? 636 ASN C ND2  1 
ATOM   468 H H    . ASN B 2 10 ? -3.580  -5.395  9.893   1.00 34.79  ? 636 ASN C H    1 
ATOM   469 H HD21 . ASN B 2 10 ? -5.259  -4.312  13.792  1.00 42.99  ? 636 ASN C HD21 1 
ATOM   470 H HD22 . ASN B 2 10 ? -3.821  -4.697  13.798  1.00 42.99  ? 636 ASN C HD22 1 
ATOM   471 N N    . ASN B 2 11 ? -0.677  -4.204  9.528   1.00 23.65  ? 637 ASN C N    1 
ATOM   472 C CA   A ASN B 2 11 ? 0.706   -3.952  9.132   0.55 25.86  ? 637 ASN C CA   1 
ATOM   473 C CA   B ASN B 2 11 ? 0.706   -3.946  9.132   0.45 25.90  ? 637 ASN C CA   1 
ATOM   474 C C    . ASN B 2 11 ? 0.781   -3.350  7.735   1.00 25.41  ? 637 ASN C C    1 
ATOM   475 O O    . ASN B 2 11 ? 1.587   -2.445  7.479   1.00 28.03  ? 637 ASN C O    1 
ATOM   476 C CB   A ASN B 2 11 ? 1.503   -5.255  9.191   0.55 27.41  ? 637 ASN C CB   1 
ATOM   477 C CB   B ASN B 2 11 ? 1.529   -5.234  9.199   0.45 27.42  ? 637 ASN C CB   1 
ATOM   478 C CG   A ASN B 2 11 ? 1.501   -5.884  10.569  0.55 29.42  ? 637 ASN C CG   1 
ATOM   479 C CG   B ASN B 2 11 ? 2.175   -5.453  10.555  0.45 31.34  ? 637 ASN C CG   1 
ATOM   480 O OD1  A ASN B 2 11 ? 1.304   -5.202  11.573  0.55 27.89  ? 637 ASN C OD1  1 
ATOM   481 O OD1  B ASN B 2 11 ? 3.236   -4.889  10.858  0.45 22.40  ? 637 ASN C OD1  1 
ATOM   482 N ND2  A ASN B 2 11 ? 1.735   -7.191  10.624  0.55 28.90  ? 637 ASN C ND2  1 
ATOM   483 N ND2  B ASN B 2 11 ? 1.551   -6.294  11.371  0.45 29.58  ? 637 ASN C ND2  1 
ATOM   484 H H    . ASN B 2 11 ? -0.862  -5.034  9.660   1.00 28.38  ? 637 ASN C H    1 
ATOM   485 H HD21 A ASN B 2 11 ? 1.746   -7.594  11.383  0.55 34.68  ? 637 ASN C HD21 1 
ATOM   486 H HD21 B ASN B 2 11 ? 1.874   -6.455  12.151  0.45 35.50  ? 637 ASN C HD21 1 
ATOM   487 H HD22 A ASN B 2 11 ? 1.877   -7.633  9.900   0.55 34.68  ? 637 ASN C HD22 1 
ATOM   488 H HD22 B ASN B 2 11 ? 0.823   -6.677  11.119  0.45 35.50  ? 637 ASN C HD22 1 
ATOM   489 N N    . TYR B 2 12 ? -0.051  -3.836  6.811   1.00 23.21  ? 638 TYR C N    1 
ATOM   490 C CA   . TYR B 2 12 ? -0.009  -3.342  5.444   1.00 24.92  ? 638 TYR C CA   1 
ATOM   491 C C    . TYR B 2 12 ? -0.646  -1.971  5.325   1.00 23.84  ? 638 TYR C C    1 
ATOM   492 O O    . TYR B 2 12 ? -0.183  -1.144  4.536   1.00 24.65  ? 638 TYR C O    1 
ATOM   493 C CB   . TYR B 2 12 ? -0.641  -4.360  4.491   1.00 23.39  ? 638 TYR C CB   1 
ATOM   494 C CG   . TYR B 2 12 ? 0.405   -5.292  3.955   1.00 23.05  ? 638 TYR C CG   1 
ATOM   495 C CD1  . TYR B 2 12 ? 1.326   -4.848  3.022   1.00 25.75  ? 638 TYR C CD1  1 
ATOM   496 C CD2  . TYR B 2 12 ? 0.510   -6.595  4.415   1.00 24.81  ? 638 TYR C CD2  1 
ATOM   497 C CE1  . TYR B 2 12 ? 2.313   -5.666  2.546   1.00 29.55  ? 638 TYR C CE1  1 
ATOM   498 C CE2  . TYR B 2 12 ? 1.498   -7.441  3.927   1.00 26.95  ? 638 TYR C CE2  1 
ATOM   499 C CZ   . TYR B 2 12 ? 2.395   -6.961  2.995   1.00 34.02  ? 638 TYR C CZ   1 
ATOM   500 O OH   . TYR B 2 12 ? 3.390   -7.774  2.502   1.00 45.29  ? 638 TYR C OH   1 
ATOM   501 H H    . TYR B 2 12 ? -0.640  -4.446  6.954   1.00 27.85  ? 638 TYR C H    1 
ATOM   502 H HH   . TYR B 2 12 ? 3.857   -7.351  1.948   1.00 54.35  ? 638 TYR C HH   1 
ATOM   503 N N    . THR B 2 13 ? -1.695  -1.704  6.106   1.00 21.34  ? 639 THR C N    1 
ATOM   504 C CA   . THR B 2 13 ? -2.303  -0.381  6.074   1.00 24.59  ? 639 THR C CA   1 
ATOM   505 C C    . THR B 2 13 ? -1.320  0.683   6.547   1.00 25.77  ? 639 THR C C    1 
ATOM   506 O O    . THR B 2 13 ? -1.222  1.761   5.947   1.00 24.47  ? 639 THR C O    1 
ATOM   507 C CB   . THR B 2 13 ? -3.608  -0.358  6.874   1.00 26.61  ? 639 THR C CB   1 
ATOM   508 O OG1  . THR B 2 13 ? -4.542  -1.253  6.262   1.00 31.49  ? 639 THR C OG1  1 
ATOM   509 C CG2  . THR B 2 13 ? -4.204  1.024   6.849   1.00 28.13  ? 639 THR C CG2  1 
ATOM   510 H H    . THR B 2 13 ? -2.063  -2.259  6.650   1.00 25.61  ? 639 THR C H    1 
ATOM   511 H HG1  . THR B 2 13 ? -4.231  -2.034  6.256   1.00 37.79  ? 639 THR C HG1  1 
ATOM   512 N N    . SER B 2 14 ? -0.554  0.390   7.596   1.00 23.01  ? 640 SER C N    1 
ATOM   513 C CA   . SER B 2 14 ? 0.405   1.382   8.076   1.00 22.85  ? 640 SER C CA   1 
ATOM   514 C C    . SER B 2 14 ? 1.568   1.526   7.104   1.00 21.33  ? 640 SER C C    1 
ATOM   515 O O    . SER B 2 14 ? 2.078   2.636   6.896   1.00 24.33  ? 640 SER C O    1 
ATOM   516 C CB   . SER B 2 14 ? 0.891   1.037   9.487   1.00 32.03  ? 640 SER C CB   1 
ATOM   517 O OG   . SER B 2 14 ? 1.770   -0.073  9.478   1.00 41.10  ? 640 SER C OG   1 
ATOM   518 H H    . SER B 2 14 ? -0.567  -0.348  8.035   1.00 27.61  ? 640 SER C H    1 
ATOM   519 H HG   . SER B 2 14 ? 1.379   -0.747  9.165   1.00 49.32  ? 640 SER C HG   1 
ATOM   520 N N    . LEU B 2 15 ? 2.003   0.417   6.506   1.00 21.38  ? 641 LEU C N    1 
ATOM   521 C CA   . LEU B 2 15 ? 3.049   0.487   5.503   1.00 22.34  ? 641 LEU C CA   1 
ATOM   522 C C    . LEU B 2 15 ? 2.604   1.321   4.312   1.00 23.41  ? 641 LEU C C    1 
ATOM   523 O O    . LEU B 2 15 ? 3.352   2.178   3.823   1.00 23.02  ? 641 LEU C O    1 
ATOM   524 C CB   . LEU B 2 15 ? 3.466   -0.914  5.061   1.00 25.35  ? 641 LEU C CB   1 
ATOM   525 C CG   . LEU B 2 15 ? 4.434   -0.954  3.885   1.00 25.83  ? 641 LEU C CG   1 
ATOM   526 C CD1  . LEU B 2 15 ? 5.727   -0.230  4.276   1.00 27.01  ? 641 LEU C CD1  1 
ATOM   527 C CD2  . LEU B 2 15 ? 4.700   -2.382  3.457   1.00 25.85  ? 641 LEU C CD2  1 
ATOM   528 H H    . LEU B 2 15 ? 1.709   -0.376  6.665   1.00 25.66  ? 641 LEU C H    1 
ATOM   529 N N    . ILE B 2 16 ? 1.381   1.082   3.828   1.00 21.62  ? 642 ILE C N    1 
ATOM   530 C CA   . ILE B 2 16 ? 0.886   1.831   2.674   1.00 22.87  ? 642 ILE C CA   1 
ATOM   531 C C    . ILE B 2 16 ? 0.800   3.317   2.992   1.00 22.28  ? 642 ILE C C    1 
ATOM   532 O O    . ILE B 2 16 ? 1.157   4.170   2.166   1.00 21.17  ? 642 ILE C O    1 
ATOM   533 C CB   . ILE B 2 16 ? -0.448  1.250   2.172   1.00 21.11  ? 642 ILE C CB   1 
ATOM   534 C CG1  . ILE B 2 16 ? -0.203  -0.107  1.520   1.00 23.01  ? 642 ILE C CG1  1 
ATOM   535 C CG2  . ILE B 2 16 ? -1.083  2.180   1.167   1.00 23.24  ? 642 ILE C CG2  1 
ATOM   536 C CD1  . ILE B 2 16 ? -1.451  -0.998  1.468   1.00 18.41  ? 642 ILE C CD1  1 
ATOM   537 H H    . ILE B 2 16 ? 0.830   0.502   4.144   1.00 25.94  ? 642 ILE C H    1 
ATOM   538 N N    A HIS B 2 17 ? 0.336   3.672   4.194   0.52 24.53  ? 643 HIS C N    1 
ATOM   539 N N    B HIS B 2 17 ? 0.318   3.660   4.193   0.48 24.52  ? 643 HIS C N    1 
ATOM   540 C CA   A HIS B 2 17 ? 0.243   5.090   4.512   0.52 23.61  ? 643 HIS C CA   1 
ATOM   541 C CA   B HIS B 2 17 ? 0.238   5.062   4.584   0.48 23.65  ? 643 HIS C CA   1 
ATOM   542 C C    A HIS B 2 17 ? 1.614   5.752   4.483   0.52 25.00  ? 643 HIS C C    1 
ATOM   543 C C    B HIS B 2 17 ? 1.601   5.735   4.493   0.48 25.01  ? 643 HIS C C    1 
ATOM   544 O O    A HIS B 2 17 ? 1.748   6.886   4.013   0.52 23.50  ? 643 HIS C O    1 
ATOM   545 O O    B HIS B 2 17 ? 1.713   6.857   3.991   0.48 23.47  ? 643 HIS C O    1 
ATOM   546 C CB   A HIS B 2 17 ? -0.465  5.336   5.843   0.52 26.69  ? 643 HIS C CB   1 
ATOM   547 C CB   B HIS B 2 17 ? -0.339  5.190   5.996   0.48 26.74  ? 643 HIS C CB   1 
ATOM   548 C CG   A HIS B 2 17 ? -0.962  6.741   6.001   0.52 29.95  ? 643 HIS C CG   1 
ATOM   549 C CG   B HIS B 2 17 ? -1.808  4.904   6.079   0.48 26.88  ? 643 HIS C CG   1 
ATOM   550 N ND1  A HIS B 2 17 ? -0.957  7.650   4.962   0.52 35.60  ? 643 HIS C ND1  1 
ATOM   551 N ND1  B HIS B 2 17 ? -2.442  4.584   7.263   0.48 26.22  ? 643 HIS C ND1  1 
ATOM   552 C CD2  A HIS B 2 17 ? -1.472  7.397   7.070   0.52 30.23  ? 643 HIS C CD2  1 
ATOM   553 C CD2  B HIS B 2 17 ? -2.771  4.903   5.127   0.48 30.06  ? 643 HIS C CD2  1 
ATOM   554 C CE1  A HIS B 2 17 ? -1.445  8.802   5.386   0.52 36.69  ? 643 HIS C CE1  1 
ATOM   555 C CE1  B HIS B 2 17 ? -3.729  4.390   7.033   0.48 25.42  ? 643 HIS C CE1  1 
ATOM   556 N NE2  A HIS B 2 17 ? -1.766  8.674   6.662   0.52 24.05  ? 643 HIS C NE2  1 
ATOM   557 N NE2  B HIS B 2 17 ? -3.953  4.573   5.743   0.48 30.50  ? 643 HIS C NE2  1 
ATOM   558 H H    A HIS B 2 17 ? 0.081   3.134   4.815   0.52 29.43  ? 643 HIS C H    1 
ATOM   559 H H    B HIS B 2 17 ? 0.035   3.106   4.787   0.48 29.42  ? 643 HIS C H    1 
ATOM   560 H HD1  A HIS B 2 17 ? -0.681  7.491   4.164   0.52 42.71  ? 643 HIS C HD1  1 
ATOM   561 H HD1  B HIS B 2 17 ? -2.059  4.518   8.031   0.48 31.46  ? 643 HIS C HD1  1 
ATOM   562 H HE2  A HIS B 2 17 ? -2.103  9.293   7.156   0.52 28.85  ? 643 HIS C HE2  1 
ATOM   563 H HE2  B HIS B 2 17 ? -4.717  4.503   5.354   0.48 36.60  ? 643 HIS C HE2  1 
ATOM   564 N N    . SER B 2 18 ? 2.649   5.058   4.973   1.00 21.26  ? 644 SER C N    1 
ATOM   565 C CA   . SER B 2 18 ? 4.002   5.605   4.902   1.00 21.17  ? 644 SER C CA   1 
ATOM   566 C C    . SER B 2 18 ? 4.419   5.842   3.460   1.00 21.19  ? 644 SER C C    1 
ATOM   567 O O    . SER B 2 18 ? 4.975   6.893   3.121   1.00 24.47  ? 644 SER C O    1 
ATOM   568 C CB   . SER B 2 18 ? 5.000   4.658   5.559   1.00 26.70  ? 644 SER C CB   1 
ATOM   569 O OG   . SER B 2 18 ? 4.894   4.742   6.956   1.00 28.80  ? 644 SER C OG   1 
ATOM   570 H H    . SER B 2 18 ? 2.594   4.283   5.344   1.00 25.51  ? 644 SER C H    1 
ATOM   571 H HG   . SER B 2 18 ? 5.444   4.220   7.318   1.00 34.56  ? 644 SER C HG   1 
ATOM   572 N N    . LEU B 2 19 ? 4.190   4.853   2.602   1.00 23.79  ? 645 LEU C N    1 
ATOM   573 C CA   . LEU B 2 19 ? 4.603   4.964   1.210   1.00 18.79  ? 645 LEU C CA   1 
ATOM   574 C C    . LEU B 2 19 ? 3.830   6.060   0.489   1.00 21.79  ? 645 LEU C C    1 
ATOM   575 O O    . LEU B 2 19 ? 4.385   6.760   -0.358  1.00 21.96  ? 645 LEU C O    1 
ATOM   576 C CB   . LEU B 2 19 ? 4.384   3.615   0.527   1.00 20.57  ? 645 LEU C CB   1 
ATOM   577 C CG   . LEU B 2 19 ? 5.199   2.439   1.068   1.00 26.94  ? 645 LEU C CG   1 
ATOM   578 C CD1  . LEU B 2 19 ? 4.686   1.148   0.510   1.00 23.19  ? 645 LEU C CD1  1 
ATOM   579 C CD2  . LEU B 2 19 ? 6.652   2.613   0.685   1.00 22.53  ? 645 LEU C CD2  1 
ATOM   580 H H    . LEU B 2 19 ? 3.798   4.113   2.800   1.00 28.55  ? 645 LEU C H    1 
ATOM   581 N N    . ILE B 2 20 ? 2.552   6.233   0.825   1.00 18.21  ? 646 ILE C N    1 
ATOM   582 C CA   . ILE B 2 20 ? 1.773   7.315   0.231   1.00 18.03  ? 646 ILE C CA   1 
ATOM   583 C C    . ILE B 2 20 ? 2.282   8.670   0.711   1.00 22.59  ? 646 ILE C C    1 
ATOM   584 O O    . ILE B 2 20 ? 2.444   9.603   -0.086  1.00 21.28  ? 646 ILE C O    1 
ATOM   585 C CB   . ILE B 2 20 ? 0.274   7.128   0.510   1.00 20.83  ? 646 ILE C CB   1 
ATOM   586 C CG1  . ILE B 2 20 ? -0.314  5.971   -0.313  1.00 22.03  ? 646 ILE C CG1  1 
ATOM   587 C CG2  . ILE B 2 20 ? -0.475  8.394   0.203   1.00 23.47  ? 646 ILE C CG2  1 
ATOM   588 C CD1  . ILE B 2 20 ? -1.749  5.704   0.010   1.00 22.26  ? 646 ILE C CD1  1 
ATOM   589 H H    . ILE B 2 20 ? 2.119   5.744   1.385   1.00 21.85  ? 646 ILE C H    1 
ATOM   590 N N    . GLU B 2 21 ? 2.526   8.804   2.022   1.00 20.69  ? 647 GLU C N    1 
ATOM   591 C CA   . GLU B 2 21 ? 3.039   10.057  2.574   1.00 21.49  ? 647 GLU C CA   1 
ATOM   592 C C    . GLU B 2 21 ? 4.341   10.450  1.905   1.00 22.27  ? 647 GLU C C    1 
ATOM   593 O O    . GLU B 2 21 ? 4.548   11.616  1.551   1.00 21.55  ? 647 GLU C O    1 
ATOM   594 C CB   . GLU B 2 21 ? 3.301   9.916   4.067   1.00 25.10  ? 647 GLU C CB   1 
ATOM   595 C CG   . GLU B 2 21 ? 2.091   10.031  4.942   1.00 38.29  ? 647 GLU C CG   1 
ATOM   596 C CD   . GLU B 2 21 ? 2.453   9.947   6.414   1.00 49.48  ? 647 GLU C CD   1 
ATOM   597 O OE1  . GLU B 2 21 ? 3.599   10.318  6.761   1.00 54.60  ? 647 GLU C OE1  1 
ATOM   598 O OE2  . GLU B 2 21 ? 1.598   9.501   7.214   1.00 55.81  ? 647 GLU C OE2  1 
ATOM   599 H H    . GLU B 2 21 ? 2.400   8.186   2.607   1.00 24.83  ? 647 GLU C H    1 
ATOM   600 N N    . GLU B 2 22 ? 5.259   9.497   1.781   1.00 22.53  ? 648 GLU C N    1 
ATOM   601 C CA   . GLU B 2 22 ? 6.531   9.786   1.133   1.00 27.38  ? 648 GLU C CA   1 
ATOM   602 C C    . GLU B 2 22 ? 6.324   10.212  -0.313  1.00 21.48  ? 648 GLU C C    1 
ATOM   603 O O    . GLU B 2 22 ? 7.015   11.111  -0.808  1.00 22.22  ? 648 GLU C O    1 
ATOM   604 C CB   . GLU B 2 22 ? 7.429   8.565   1.199   1.00 26.71  ? 648 GLU C CB   1 
ATOM   605 C CG   . GLU B 2 22 ? 8.682   8.753   0.417   1.00 38.16  ? 648 GLU C CG   1 
ATOM   606 C CD   . GLU B 2 22 ? 9.345   7.449   0.104   1.00 53.72  ? 648 GLU C CD   1 
ATOM   607 O OE1  . GLU B 2 22 ? 8.876   6.409   0.616   1.00 50.71  ? 648 GLU C OE1  1 
ATOM   608 O OE2  . GLU B 2 22 ? 10.358  7.462   -0.628  1.00 57.21  ? 648 GLU C OE2  1 
ATOM   609 H H    . GLU B 2 22 ? 5.172   8.687   2.058   1.00 27.03  ? 648 GLU C H    1 
ATOM   610 N N    . SER B 2 23 ? 5.362   9.590   -0.999  1.00 21.64  ? 649 SER C N    1 
ATOM   611 C CA   . SER B 2 23 ? 5.036   9.981   -2.365  1.00 21.03  ? 649 SER C CA   1 
ATOM   612 C C    . SER B 2 23 ? 4.464   11.393  -2.423  1.00 18.33  ? 649 SER C C    1 
ATOM   613 O O    . SER B 2 23 ? 4.765   12.133  -3.358  1.00 19.09  ? 649 SER C O    1 
ATOM   614 C CB   . SER B 2 23 ? 4.049   8.995   -2.984  1.00 17.00  ? 649 SER C CB   1 
ATOM   615 O OG   . SER B 2 23 ? 4.547   7.675   -3.036  1.00 23.04  ? 649 SER C OG   1 
ATOM   616 H H    . SER B 2 23 ? 4.887   8.941   -0.694  1.00 25.97  ? 649 SER C H    1 
ATOM   617 H HG   . SER B 2 23 ? 4.721   7.404   -2.260  1.00 27.64  ? 649 SER C HG   1 
ATOM   618 N N    . GLN B 2 24 ? 3.638   11.775  -1.441  1.00 20.89  ? 650 GLN C N    1 
ATOM   619 C CA   . GLN B 2 24 ? 3.109   13.135  -1.391  1.00 20.36  ? 650 GLN C CA   1 
ATOM   620 C C    . GLN B 2 24 ? 4.228   14.143  -1.199  1.00 20.23  ? 650 GLN C C    1 
ATOM   621 O O    . GLN B 2 24 ? 4.283   15.169  -1.885  1.00 23.03  ? 650 GLN C O    1 
ATOM   622 C CB   . GLN B 2 24 ? 2.109   13.268  -0.238  1.00 21.04  ? 650 GLN C CB   1 
ATOM   623 C CG   . GLN B 2 24 ? 0.783   12.521  -0.440  1.00 26.75  ? 650 GLN C CG   1 
ATOM   624 C CD   . GLN B 2 24 ? -0.035  12.385  0.838   1.00 27.55  ? 650 GLN C CD   1 
ATOM   625 O OE1  . GLN B 2 24 ? 0.481   12.543  1.944   1.00 33.00  ? 650 GLN C OE1  1 
ATOM   626 N NE2  . GLN B 2 24 ? -1.313  12.085  0.685   1.00 32.59  ? 650 GLN C NE2  1 
ATOM   627 H H    . GLN B 2 24 ? 3.374   11.267  -0.797  1.00 25.07  ? 650 GLN C H    1 
ATOM   628 H HE21 . GLN B 2 24 ? -1.638  11.977  -0.104  1.00 39.11  ? 650 GLN C HE21 1 
ATOM   629 H HE22 . GLN B 2 24 ? -1.818  11.996  1.375   1.00 39.11  ? 650 GLN C HE22 1 
ATOM   630 N N    . ASN B 2 25 ? 5.136   13.855  -0.265  1.00 22.15  ? 651 ASN C N    1 
ATOM   631 C CA   . ASN B 2 25 ? 6.252   14.757  -0.014  1.00 21.21  ? 651 ASN C CA   1 
ATOM   632 C C    . ASN B 2 25 ? 7.123   14.907  -1.249  1.00 21.91  ? 651 ASN C C    1 
ATOM   633 O O    . ASN B 2 25 ? 7.545   16.015  -1.586  1.00 20.48  ? 651 ASN C O    1 
ATOM   634 C CB   . ASN B 2 25 ? 7.102   14.237  1.142   1.00 23.83  ? 651 ASN C CB   1 
ATOM   635 C CG   . ASN B 2 25 ? 6.364   14.225  2.457   1.00 34.32  ? 651 ASN C CG   1 
ATOM   636 O OD1  . ASN B 2 25 ? 5.295   14.818  2.604   1.00 32.06  ? 651 ASN C OD1  1 
ATOM   637 N ND2  . ASN B 2 25 ? 6.939   13.539  3.430   1.00 32.03  ? 651 ASN C ND2  1 
ATOM   638 H H    . ASN B 2 25 ? 5.127   13.151  0.229   1.00 26.58  ? 651 ASN C H    1 
ATOM   639 H HD21 . ASN B 2 25 ? 6.566   13.495  4.203   1.00 38.44  ? 651 ASN C HD21 1 
ATOM   640 H HD22 . ASN B 2 25 ? 7.686   13.136  3.289   1.00 38.44  ? 651 ASN C HD22 1 
ATOM   641 N N    . GLN B 2 26 ? 7.451   13.791  -1.906  1.00 20.71  ? 652 GLN C N    1 
ATOM   642 C CA   . GLN B 2 26 ? 8.265   13.860  -3.111  1.00 21.11  ? 652 GLN C CA   1 
ATOM   643 C C    . GLN B 2 26 ? 7.542   14.579  -4.246  1.00 17.26  ? 652 GLN C C    1 
ATOM   644 O O    . GLN B 2 26 ? 8.180   15.262  -5.048  1.00 18.47  ? 652 GLN C O    1 
ATOM   645 C CB   . GLN B 2 26 ? 8.726   12.449  -3.513  1.00 18.85  ? 652 GLN C CB   1 
ATOM   646 C CG   . GLN B 2 26 ? 9.746   12.415  -4.671  1.00 19.84  ? 652 GLN C CG   1 
ATOM   647 C CD   . GLN B 2 26 ? 11.072  13.023  -4.283  1.00 27.30  ? 652 GLN C CD   1 
ATOM   648 O OE1  . GLN B 2 26 ? 11.641  12.682  -3.252  1.00 30.26  ? 652 GLN C OE1  1 
ATOM   649 N NE2  . GLN B 2 26 ? 11.560  13.941  -5.100  1.00 22.28  ? 652 GLN C NE2  1 
ATOM   650 H H    . GLN B 2 26 ? 7.216   12.997  -1.675  1.00 24.85  ? 652 GLN C H    1 
ATOM   651 H HE21 . GLN B 2 26 ? 11.126  14.161  -5.808  1.00 26.74  ? 652 GLN C HE21 1 
ATOM   652 H HE22 . GLN B 2 26 ? 12.313  14.317  -4.924  1.00 26.74  ? 652 GLN C HE22 1 
ATOM   653 N N    . GLN B 2 27 ? 6.217   14.425  -4.346  1.00 21.23  ? 653 GLN C N    1 
ATOM   654 C CA   . GLN B 2 27 ? 5.477   15.131  -5.374  1.00 22.28  ? 653 GLN C CA   1 
ATOM   655 C C    . GLN B 2 27 ? 5.555   16.631  -5.156  1.00 23.63  ? 653 GLN C C    1 
ATOM   656 O O    . GLN B 2 27 ? 5.727   17.390  -6.115  1.00 22.84  ? 653 GLN C O    1 
ATOM   657 C CB   . GLN B 2 27 ? 4.026   14.662  -5.390  1.00 19.00  ? 653 GLN C CB   1 
ATOM   658 C CG   . GLN B 2 27 ? 3.201   15.314  -6.498  1.00 18.54  ? 653 GLN C CG   1 
ATOM   659 C CD   . GLN B 2 27 ? 3.636   14.861  -7.875  1.00 18.40  ? 653 GLN C CD   1 
ATOM   660 O OE1  . GLN B 2 27 ? 4.183   13.777  -8.039  1.00 22.66  ? 653 GLN C OE1  1 
ATOM   661 N NE2  . GLN B 2 27 ? 3.420   15.703  -8.864  1.00 20.94  ? 653 GLN C NE2  1 
ATOM   662 H H    . GLN B 2 27 ? 5.739   13.924  -3.838  1.00 25.48  ? 653 GLN C H    1 
ATOM   663 H HE21 . GLN B 2 27 ? 3.050   16.464  -8.707  1.00 25.12  ? 653 GLN C HE21 1 
ATOM   664 H HE22 . GLN B 2 27 ? 3.649   15.493  -9.665  1.00 25.12  ? 653 GLN C HE22 1 
ATOM   665 N N    . GLU B 2 28 ? 5.444   17.075  -3.901  1.00 20.82  ? 654 GLU C N    1 
ATOM   666 C CA   . GLU B 2 28 ? 5.552   18.505  -3.633  1.00 21.77  ? 654 GLU C CA   1 
ATOM   667 C C    . GLU B 2 28 ? 6.955   19.003  -3.930  1.00 22.67  ? 654 GLU C C    1 
ATOM   668 O O    . GLU B 2 28 ? 7.126   20.089  -4.484  1.00 24.67  ? 654 GLU C O    1 
ATOM   669 C CB   . GLU B 2 28 ? 5.154   18.812  -2.183  1.00 22.84  ? 654 GLU C CB   1 
ATOM   670 C CG   . GLU B 2 28 ? 3.644   18.718  -1.904  1.00 39.78  ? 654 GLU C CG   1 
ATOM   671 C CD   . GLU B 2 28 ? 3.303   18.332  -0.456  1.00 51.99  ? 654 GLU C CD   1 
ATOM   672 O OE1  . GLU B 2 28 ? 4.088   18.646  0.468   1.00 48.70  ? 654 GLU C OE1  1 
ATOM   673 O OE2  . GLU B 2 28 ? 2.237   17.708  -0.247  1.00 48.21  ? 654 GLU C OE2  1 
ATOM   674 H H    . GLU B 2 28 ? 5.311   16.583  -3.209  1.00 24.98  ? 654 GLU C H    1 
ATOM   675 N N    . LYS B 2 29 ? 7.968   18.205  -3.597  1.00 20.88  ? 655 LYS C N    1 
ATOM   676 C CA   . LYS B 2 29 ? 9.351   18.579  -3.873  1.00 19.96  ? 655 LYS C CA   1 
ATOM   677 C C    . LYS B 2 29 ? 9.597   18.700  -5.368  1.00 22.74  ? 655 LYS C C    1 
ATOM   678 O O    . LYS B 2 29 ? 10.207  19.667  -5.834  1.00 26.38  ? 655 LYS C O    1 
ATOM   679 C CB   . LYS B 2 29 ? 10.298  17.546  -3.258  1.00 23.51  ? 655 LYS C CB   1 
ATOM   680 C CG   . LYS B 2 29 ? 11.745  17.840  -3.548  1.00 35.25  ? 655 LYS C CG   1 
ATOM   681 C CD   . LYS B 2 29 ? 12.688  17.096  -2.622  1.00 38.84  ? 655 LYS C CD   1 
ATOM   682 C CE   . LYS B 2 29 ? 14.139  17.462  -2.936  1.00 42.29  ? 655 LYS C CE   1 
ATOM   683 N NZ   . LYS B 2 29 ? 15.099  16.904  -1.943  1.00 36.12  ? 655 LYS C NZ   1 
ATOM   684 H H    . LYS B 2 29 ? 7.880   17.442  -3.210  1.00 25.06  ? 655 LYS C H    1 
ATOM   685 H HZ1  . LYS B 2 29 ? 15.930  17.137  -2.159  1.00 43.34  ? 655 LYS C HZ1  1 
ATOM   686 H HZ2  . LYS B 2 29 ? 14.911  17.217  -1.132  1.00 43.34  ? 655 LYS C HZ2  1 
ATOM   687 H HZ3  . LYS B 2 29 ? 15.040  16.016  -1.932  1.00 43.34  ? 655 LYS C HZ3  1 
ATOM   688 N N    . ASN B 2 30 ? 9.139   17.716  -6.144  1.00 20.19  ? 656 ASN C N    1 
ATOM   689 C CA   . ASN B 2 30 ? 9.328   17.772  -7.589  1.00 21.63  ? 656 ASN C CA   1 
ATOM   690 C C    . ASN B 2 30 ? 8.639   18.983  -8.191  1.00 26.63  ? 656 ASN C C    1 
ATOM   691 O O    . ASN B 2 30 ? 9.160   19.596  -9.128  1.00 24.24  ? 656 ASN C O    1 
ATOM   692 C CB   . ASN B 2 30 ? 8.769   16.518  -8.254  1.00 17.98  ? 656 ASN C CB   1 
ATOM   693 C CG   . ASN B 2 30 ? 9.582   15.283  -7.992  1.00 22.07  ? 656 ASN C CG   1 
ATOM   694 O OD1  . ASN B 2 30 ? 10.711  15.351  -7.547  1.00 21.23  ? 656 ASN C OD1  1 
ATOM   695 N ND2  . ASN B 2 30 ? 9.002   14.135  -8.276  1.00 20.49  ? 656 ASN C ND2  1 
ATOM   696 H H    . ASN B 2 30 ? 8.723   17.018  -5.862  1.00 24.22  ? 656 ASN C H    1 
ATOM   697 H HD21 . ASN B 2 30 ? 9.423   13.397  -8.146  1.00 24.59  ? 656 ASN C HD21 1 
ATOM   698 H HD22 . ASN B 2 30 ? 8.203   14.124  -8.592  1.00 24.59  ? 656 ASN C HD22 1 
ATOM   699 N N    . GLU B 2 31 ? 7.445   19.312  -7.703  1.00 21.20  ? 657 GLU C N    1 
ATOM   700 C CA   . GLU B 2 31 ? 6.713   20.437  -8.273  1.00 24.08  ? 657 GLU C CA   1 
ATOM   701 C C    . GLU B 2 31 ? 7.467   21.736  -8.048  1.00 23.76  ? 657 GLU C C    1 
ATOM   702 O O    . GLU B 2 31 ? 7.556   22.584  -8.946  1.00 25.80  ? 657 GLU C O    1 
ATOM   703 C CB   . GLU B 2 31 ? 5.285   20.478  -7.725  1.00 23.05  ? 657 GLU C CB   1 
ATOM   704 C CG   . GLU B 2 31 ? 4.444   19.345  -8.290  1.00 22.67  ? 657 GLU C CG   1 
ATOM   705 C CD   . GLU B 2 31 ? 3.022   19.289  -7.765  1.00 38.97  ? 657 GLU C CD   1 
ATOM   706 O OE1  . GLU B 2 31 ? 2.664   20.118  -6.899  1.00 38.20  ? 657 GLU C OE1  1 
ATOM   707 O OE2  . GLU B 2 31 ? 2.263   18.397  -8.228  1.00 29.86  ? 657 GLU C OE2  1 
ATOM   708 H H    . GLU B 2 31 ? 7.045   18.910  -7.056  1.00 25.44  ? 657 GLU C H    1 
ATOM   709 N N    . GLN B 2 32 ? 8.070   21.873  -6.873  1.00 24.89  ? 658 GLN C N    1 
ATOM   710 C CA   . GLN B 2 32 ? 8.828   23.065  -6.523  1.00 26.03  ? 658 GLN C CA   1 
ATOM   711 C C    . GLN B 2 32 ? 10.202  23.081  -7.190  1.00 24.53  ? 658 GLN C C    1 
ATOM   712 O O    . GLN B 2 32 ? 10.683  24.143  -7.592  1.00 27.33  ? 658 GLN C O    1 
ATOM   713 C CB   . GLN B 2 32 ? 8.962   23.105  -5.006  1.00 25.80  ? 658 GLN C CB   1 
ATOM   714 C CG   . GLN B 2 32 ? 9.881   24.153  -4.459  1.00 50.23  ? 658 GLN C CG   1 
ATOM   715 C CD   . GLN B 2 32 ? 9.732   24.298  -2.958  1.00 67.69  ? 658 GLN C CD   1 
ATOM   716 O OE1  . GLN B 2 32 ? 8.671   24.005  -2.399  1.00 81.66  ? 658 GLN C OE1  1 
ATOM   717 N NE2  . GLN B 2 32 ? 10.789  24.749  -2.295  1.00 56.96  ? 658 GLN C NE2  1 
ATOM   718 H H    . GLN B 2 32 ? 8.054   21.279  -6.252  1.00 29.87  ? 658 GLN C H    1 
ATOM   719 H HE21 . GLN B 2 32 ? 11.512  24.942  -2.720  1.00 68.36  ? 658 GLN C HE21 1 
ATOM   720 H HE22 . GLN B 2 32 ? 10.752  24.848  -1.442  1.00 68.36  ? 658 GLN C HE22 1 
ATOM   721 N N    . GLU B 2 33 ? 10.851  21.930  -7.318  1.00 22.81  ? 659 GLU C N    1 
ATOM   722 C CA   . GLU B 2 33 ? 12.200  21.898  -7.852  1.00 23.65  ? 659 GLU C CA   1 
ATOM   723 C C    . GLU B 2 33 ? 12.231  21.905  -9.374  1.00 22.22  ? 659 GLU C C    1 
ATOM   724 O O    . GLU B 2 33 ? 13.194  22.395  -9.964  1.00 23.67  ? 659 GLU C O    1 
ATOM   725 C CB   . GLU B 2 33 ? 12.952  20.692  -7.293  1.00 26.21  ? 659 GLU C CB   1 
ATOM   726 C CG   . GLU B 2 33 ? 13.162  20.775  -5.792  1.00 28.21  ? 659 GLU C CG   1 
ATOM   727 C CD   . GLU B 2 33 ? 14.130  19.746  -5.260  1.00 39.83  ? 659 GLU C CD   1 
ATOM   728 O OE1  . GLU B 2 33 ? 14.123  18.600  -5.755  1.00 47.75  ? 659 GLU C OE1  1 
ATOM   729 O OE2  . GLU B 2 33 ? 14.900  20.087  -4.338  1.00 49.10  ? 659 GLU C OE2  1 
ATOM   730 H H    . GLU B 2 33 ? 10.533  21.160  -7.104  1.00 27.37  ? 659 GLU C H    1 
ATOM   731 N N    . LEU B 2 34 ? 11.202  21.366  -10.026 1.00 23.42  ? 660 LEU C N    1 
ATOM   732 C CA   . LEU B 2 34 ? 11.197  21.201  -11.473 1.00 22.81  ? 660 LEU C CA   1 
ATOM   733 C C    . LEU B 2 34 ? 10.198  22.104  -12.182 1.00 28.07  ? 660 LEU C C    1 
ATOM   734 O O    . LEU B 2 34 ? 10.368  22.357  -13.378 1.00 31.53  ? 660 LEU C O    1 
ATOM   735 C CB   . LEU B 2 34 ? 10.914  19.730  -11.832 1.00 26.86  ? 660 LEU C CB   1 
ATOM   736 C CG   . LEU B 2 34 ? 11.819  18.704  -11.137 1.00 24.76  ? 660 LEU C CG   1 
ATOM   737 C CD1  . LEU B 2 34 ? 11.284  17.280  -11.336 1.00 22.26  ? 660 LEU C CD1  1 
ATOM   738 C CD2  . LEU B 2 34 ? 13.266  18.802  -11.639 1.00 26.45  ? 660 LEU C CD2  1 
ATOM   739 H H    . LEU B 2 34 ? 10.484  21.084  -9.644  1.00 28.11  ? 660 LEU C H    1 
ATOM   740 N N    . LEU B 2 35 ? 9.178   22.599  -11.487 1.00 31.79  ? 661 LEU C N    1 
ATOM   741 C CA   . LEU B 2 35 ? 8.219   23.522  -12.097 1.00 35.52  ? 661 LEU C CA   1 
ATOM   742 C C    . LEU B 2 35 ? 8.346   24.943  -11.550 1.00 35.14  ? 661 LEU C C    1 
ATOM   743 O O    . LEU B 2 35 ? 8.661   25.141  -10.376 1.00 32.02  ? 661 LEU C O    1 
ATOM   744 C CB   . LEU B 2 35 ? 6.784   23.024  -11.925 1.00 33.69  ? 661 LEU C CB   1 
ATOM   745 C CG   . LEU B 2 35 ? 6.384   21.719  -12.621 1.00 30.80  ? 661 LEU C CG   1 
ATOM   746 C CD1  . LEU B 2 35 ? 4.977   21.289  -12.234 1.00 36.43  ? 661 LEU C CD1  1 
ATOM   747 C CD2  . LEU B 2 35 ? 6.521   21.852  -14.120 1.00 39.10  ? 661 LEU C CD2  1 
ATOM   748 H H    . LEU B 2 35 ? 9.016   22.418  -10.663 1.00 38.15  ? 661 LEU C H    1 
HETATM 749 O O    . HOH C 3 .  ? -13.436 -20.568 6.471   1.00 45.64  ? 601 HOH N O    1 
HETATM 750 O O    . HOH C 3 .  ? -3.009  0.779   -6.754  0.33 29.51  ? 602 HOH N O    1 
HETATM 751 O O    . HOH C 3 .  ? 11.787  5.252   -13.214 1.00 24.91  ? 603 HOH N O    1 
HETATM 752 O O    . HOH C 3 .  ? 10.891  4.223   -2.675  1.00 37.46  ? 604 HOH N O    1 
HETATM 753 O O    . HOH C 3 .  ? 9.978   -2.999  -5.980  1.00 40.77  ? 605 HOH N O    1 
HETATM 754 O O    . HOH C 3 .  ? -13.907 -20.790 -0.497  1.00 46.48  ? 606 HOH N O    1 
HETATM 755 O O    . HOH C 3 .  ? -10.284 -5.553  -1.634  0.33 17.37  ? 607 HOH N O    1 
HETATM 756 O O    . HOH C 3 .  ? -5.056  -14.387 -1.961  1.00 35.50  ? 608 HOH N O    1 
HETATM 757 O O    . HOH C 3 .  ? -7.457  -20.347 -3.149  1.00 44.35  ? 609 HOH N O    1 
HETATM 758 O O    . HOH C 3 .  ? 14.797  16.139  -9.604  1.00 30.60  ? 610 HOH N O    1 
HETATM 759 O O    . HOH C 3 .  ? 6.255   -2.127  -0.976  1.00 32.98  ? 611 HOH N O    1 
HETATM 760 O O    . HOH C 3 .  ? 12.979  0.535   -3.218  0.50 39.11  ? 612 HOH N O    1 
HETATM 761 O O    . HOH C 3 .  ? -6.261  -16.901 -1.584  1.00 44.13  ? 613 HOH N O    1 
HETATM 762 O O    . HOH C 3 .  ? 5.391   -4.533  -0.391  1.00 37.46  ? 614 HOH N O    1 
HETATM 763 O O    . HOH C 3 .  ? 7.367   -4.467  -1.593  1.00 50.15  ? 615 HOH N O    1 
HETATM 764 O O    . HOH C 3 .  ? -6.894  -18.787 -0.792  1.00 51.58  ? 616 HOH N O    1 
HETATM 765 O O    . HOH C 3 .  ? -2.363  -17.019 4.226   0.50 38.79  ? 617 HOH N O    1 
HETATM 766 O O    . HOH C 3 .  ? -8.891  -21.499 -1.204  1.00 43.28  ? 618 HOH N O    1 
HETATM 767 O O    . HOH D 3 .  ? 16.464  18.898  -1.065  1.00 44.69  ? 701 HOH C O    1 
HETATM 768 O O    . HOH D 3 .  ? 2.052   14.136  3.310   1.00 43.68  ? 702 HOH C O    1 
HETATM 769 O O    . HOH D 3 .  ? 2.955   7.211   7.671   1.00 55.49  ? 703 HOH C O    1 
HETATM 770 O O    . HOH D 3 .  ? -2.487  -5.653  14.694  1.00 46.20  ? 704 HOH C O    1 
HETATM 771 O O    . HOH D 3 .  ? 11.178  10.205  -2.124  1.00 26.72  ? 705 HOH C O    1 
HETATM 772 O O    . HOH D 3 .  ? 13.696  23.867  -12.264 1.00 30.89  ? 706 HOH C O    1 
HETATM 773 O O    . HOH D 3 .  ? 4.506   0.348   9.112   1.00 39.82  ? 707 HOH C O    1 
HETATM 774 O O    . HOH D 3 .  ? 9.293   12.006  3.005   1.00 39.95  ? 708 HOH C O    1 
HETATM 775 O O    . HOH D 3 .  ? 7.967   17.986  0.457   1.00 34.41  ? 709 HOH C O    1 
HETATM 776 O O    . HOH D 3 .  ? 12.542  21.286  -14.918 1.00 38.46  ? 710 HOH C O    1 
HETATM 777 O O    . HOH D 3 .  ? 12.967  17.100  -8.004  1.00 28.68  ? 711 HOH C O    1 
HETATM 778 O O    . HOH D 3 .  ? 10.889  14.060  -0.714  1.00 31.33  ? 712 HOH C O    1 
HETATM 779 O O    . HOH D 3 .  ? -5.845  -9.577  15.648  1.00 38.65  ? 713 HOH C O    1 
HETATM 780 O O    . HOH D 3 .  ? 14.495  14.444  -4.670  1.00 35.67  ? 714 HOH C O    1 
HETATM 781 O O    . HOH D 3 .  ? -2.633  0.271   10.850  1.00 41.17  ? 715 HOH C O    1 
HETATM 782 O O    . HOH D 3 .  ? 5.170   8.642   8.858   1.00 51.57  ? 716 HOH C O    1 
HETATM 783 O O    . HOH D 3 .  ? -6.657  -2.501  8.903   1.00 45.90  ? 717 HOH C O    1 
HETATM 784 O O    . HOH D 3 .  ? -0.004  -12.512 12.816  1.00 29.95  ? 718 HOH C O    1 
HETATM 785 O O    . HOH D 3 .  ? 3.288   -1.991  12.354  1.00 42.36  ? 719 HOH C O    1 
HETATM 786 O O    . HOH D 3 .  ? -0.216  -2.039  12.852  1.00 52.94  ? 720 HOH C O    1 
HETATM 787 O O    . HOH D 3 .  ? -3.694  -15.960 7.772   1.00 41.73  ? 721 HOH C O    1 
HETATM 788 O O    . HOH D 3 .  ? -12.276 -7.137  14.440  1.00 52.76  ? 722 HOH C O    1 
HETATM 789 O O    . HOH D 3 .  ? -1.315  -16.450 6.420   0.50 34.91  ? 723 HOH C O    1 
# 
